data_8VDN
#
_entry.id   8VDN
#
_cell.length_a   64.977
_cell.length_b   115.631
_cell.length_c   126.175
_cell.angle_alpha   90.000
_cell.angle_beta   90.000
_cell.angle_gamma   90.000
#
_symmetry.space_group_name_H-M   'P 21 21 21'
#
loop_
_entity.id
_entity.type
_entity.pdbx_description
1 polymer 'DNA ligase 1'
2 polymer 'Downstream Oligo'
3 polymer 'Upstream Oligo'
4 polymer 'Template Oligo'
5 non-polymer 'ADENOSINE MONOPHOSPHATE'
6 water water
#
loop_
_entity_poly.entity_id
_entity_poly.type
_entity_poly.pdbx_seq_one_letter_code
_entity_poly.pdbx_strand_id
1 'polypeptide(L)'
;LDPSGYNPAKNNYHPVEDACWKPGQKVPYLAVARTFEKIEEVSARLRMVETLSNLLRSVVALSPPDLLPVLYLSLNHLGP
PQQGLALGVGDGVLLKAVAQATGRQLESVRAEAAEKGDVGLVAENSRSTQRLMLPPPPLTASGVFSKFRDIARLTGSAST
AKKIDIIKGLFVACRHSEARFIARSLSGRLRLGLAEQSVLAALSQAVSLTPPGQEFPPAMVDAGKGKTAEARKTWLEEQG
MILKQTFCEVPDLDRIIPVLLEHGLERLPEHCKLSPGIPLKPMLAHPTRGISEVLKRFEEAAFTCEYKYDGQRAQIHALE
GGEVKIFSRNQADNTGKYPDIISRIPKIKLPSVTSFILDTEAVAWDREKKQIQPFQVLTTRKRKEVDASEIQVQVCLYAF
DLIYLNGESLVREPLSRRRQLLRENFVETEGEFVFATSLDTKDIEQIAEFLEQSVKDSCEGLMVKTLDVDATYEIAKRSH
NWLKLKKDYLDGVGDTLDLVVIGAYLGRGKRAGRYGGFLLASYDEDSEELQAICKLGTGFSDEELEEHHQSLKALVLPSP
RPYVRIDGAVIPDHWLDPSAVWEVKCADLSLSPIYPAARGLVDSDKGISLRFPRFIRVREDKQPEQATTSAQVACLYRKQ
SQIQNQQGEDSGSDPEDT
;
A
2 'polydeoxyribonucleotide' (DG)(DT)(DC)(DG)(DG)(DA)(DC) C
3 'polydeoxyribonucleotide' (DG)(DC)(DT)(DG)(DA)(DT)(DG)(DC)(DG)(DT)(DG) B
4 'polydeoxyribonucleotide' (DG)(DT)(DC)(DC)(DG)(DA)(DC)(DC)(DA)(DC)(DG)(DC)(DA)(DT)(DC)(DA)(DG)(DC) D
#
loop_
_chem_comp.id
_chem_comp.type
_chem_comp.name
_chem_comp.formula
AMP non-polymer 'ADENOSINE MONOPHOSPHATE' 'C10 H14 N5 O7 P'
DA DNA linking 2'-DEOXYADENOSINE-5'-MONOPHOSPHATE 'C10 H14 N5 O6 P'
DC DNA linking 2'-DEOXYCYTIDINE-5'-MONOPHOSPHATE 'C9 H14 N3 O7 P'
DG DNA linking 2'-DEOXYGUANOSINE-5'-MONOPHOSPHATE 'C10 H14 N5 O7 P'
DT DNA linking THYMIDINE-5'-MONOPHOSPHATE 'C10 H15 N2 O8 P'
#
# COMPACT_ATOMS: atom_id res chain seq x y z
N LEU A 1 -14.24 -27.41 -22.77
CA LEU A 1 -14.28 -27.40 -24.23
C LEU A 1 -13.87 -26.05 -24.80
N ASP A 2 -14.77 -25.07 -24.69
CA ASP A 2 -14.53 -23.74 -25.23
C ASP A 2 -14.28 -22.75 -24.09
N PRO A 3 -13.10 -22.14 -24.02
CA PRO A 3 -12.84 -21.16 -22.96
C PRO A 3 -13.38 -19.77 -23.25
N SER A 4 -13.79 -19.49 -24.49
CA SER A 4 -14.29 -18.15 -24.80
CA SER A 4 -14.29 -18.15 -24.80
C SER A 4 -15.61 -17.87 -24.11
N GLY A 5 -16.47 -18.88 -24.00
CA GLY A 5 -17.77 -18.71 -23.37
C GLY A 5 -17.77 -19.11 -21.91
N TYR A 6 -16.59 -19.20 -21.30
CA TYR A 6 -16.49 -19.58 -19.91
C TYR A 6 -17.18 -18.56 -19.02
N ASN A 7 -18.00 -19.04 -18.09
CA ASN A 7 -18.77 -18.18 -17.19
C ASN A 7 -18.64 -18.70 -15.76
N PRO A 8 -17.76 -18.11 -14.95
CA PRO A 8 -17.61 -18.55 -13.56
C PRO A 8 -18.61 -17.93 -12.60
N ALA A 9 -19.56 -17.14 -13.11
CA ALA A 9 -20.60 -16.53 -12.29
C ALA A 9 -21.96 -17.15 -12.54
N LYS A 10 -21.99 -18.46 -12.82
CA LYS A 10 -23.22 -19.15 -13.15
C LYS A 10 -23.92 -19.65 -11.89
N ASN A 11 -25.24 -19.54 -11.87
CA ASN A 11 -26.02 -20.12 -10.78
C ASN A 11 -25.84 -21.64 -10.79
N ASN A 12 -25.69 -22.20 -9.59
CA ASN A 12 -25.41 -23.63 -9.42
C ASN A 12 -24.15 -24.03 -10.20
N TYR A 13 -23.08 -23.27 -9.98
CA TYR A 13 -21.83 -23.52 -10.67
C TYR A 13 -21.24 -24.86 -10.22
N HIS A 14 -20.82 -25.66 -11.19
CA HIS A 14 -20.19 -26.95 -10.92
C HIS A 14 -18.71 -26.88 -11.28
N PRO A 15 -17.81 -27.20 -10.36
CA PRO A 15 -16.37 -27.02 -10.64
C PRO A 15 -15.83 -27.87 -11.79
N VAL A 16 -16.54 -28.92 -12.20
CA VAL A 16 -16.07 -29.82 -13.23
C VAL A 16 -16.81 -29.60 -14.55
N GLU A 17 -18.15 -29.63 -14.51
CA GLU A 17 -18.92 -29.53 -15.74
C GLU A 17 -18.86 -28.14 -16.34
N ASP A 18 -18.92 -27.10 -15.50
CA ASP A 18 -18.93 -25.72 -15.98
C ASP A 18 -17.54 -25.17 -16.25
N ALA A 19 -16.50 -26.00 -16.18
CA ALA A 19 -15.15 -25.57 -16.47
C ALA A 19 -14.94 -25.47 -17.99
N CYS A 20 -13.73 -25.08 -18.39
CA CYS A 20 -13.40 -24.96 -19.81
C CYS A 20 -12.05 -25.59 -20.14
N TRP A 21 -11.56 -26.48 -19.28
CA TRP A 21 -10.31 -27.19 -19.55
C TRP A 21 -10.38 -28.58 -18.92
N LYS A 22 -9.56 -29.48 -19.46
CA LYS A 22 -9.56 -30.87 -19.03
C LYS A 22 -8.70 -31.07 -17.79
N PRO A 23 -8.97 -32.13 -17.02
CA PRO A 23 -8.15 -32.39 -15.83
C PRO A 23 -6.71 -32.71 -16.21
N GLY A 24 -5.79 -32.36 -15.32
CA GLY A 24 -4.37 -32.52 -15.57
C GLY A 24 -3.79 -31.57 -16.59
N GLN A 25 -4.61 -30.79 -17.28
CA GLN A 25 -4.16 -29.83 -18.27
C GLN A 25 -3.89 -28.48 -17.62
N LYS A 26 -3.08 -27.68 -18.29
CA LYS A 26 -2.76 -26.35 -17.79
C LYS A 26 -3.98 -25.44 -17.87
N VAL A 27 -4.14 -24.58 -16.85
CA VAL A 27 -5.25 -23.64 -16.81
C VAL A 27 -5.03 -22.56 -17.87
N PRO A 28 -5.96 -22.38 -18.80
CA PRO A 28 -5.78 -21.34 -19.82
C PRO A 28 -5.98 -19.95 -19.24
N TYR A 29 -5.22 -19.00 -19.78
CA TYR A 29 -5.32 -17.62 -19.30
C TYR A 29 -6.65 -16.99 -19.65
N LEU A 30 -7.30 -17.46 -20.73
CA LEU A 30 -8.60 -16.91 -21.10
C LEU A 30 -9.64 -17.18 -20.02
N ALA A 31 -9.53 -18.32 -19.32
CA ALA A 31 -10.43 -18.59 -18.20
C ALA A 31 -10.24 -17.57 -17.10
N VAL A 32 -8.98 -17.17 -16.84
CA VAL A 32 -8.72 -16.14 -15.84
C VAL A 32 -9.23 -14.78 -16.33
N ALA A 33 -9.10 -14.51 -17.63
CA ALA A 33 -9.54 -13.23 -18.17
C ALA A 33 -11.05 -13.10 -18.10
N ARG A 34 -11.78 -14.13 -18.52
CA ARG A 34 -13.25 -14.08 -18.49
C ARG A 34 -13.76 -13.93 -17.07
N THR A 35 -13.04 -14.49 -16.08
CA THR A 35 -13.43 -14.31 -14.69
C THR A 35 -13.21 -12.87 -14.24
N PHE A 36 -12.08 -12.28 -14.64
CA PHE A 36 -11.86 -10.86 -14.36
C PHE A 36 -12.96 -10.00 -14.97
N GLU A 37 -13.51 -10.42 -16.11
CA GLU A 37 -14.63 -9.70 -16.71
C GLU A 37 -15.85 -9.76 -15.81
N LYS A 38 -16.18 -10.96 -15.32
CA LYS A 38 -17.35 -11.10 -14.45
C LYS A 38 -17.15 -10.39 -13.12
N ILE A 39 -15.93 -10.38 -12.60
CA ILE A 39 -15.67 -9.71 -11.32
C ILE A 39 -15.77 -8.21 -11.48
N GLU A 40 -15.17 -7.66 -12.55
CA GLU A 40 -15.24 -6.23 -12.80
C GLU A 40 -16.67 -5.77 -13.11
N GLU A 41 -17.52 -6.67 -13.60
CA GLU A 41 -18.87 -6.27 -13.99
C GLU A 41 -19.73 -5.88 -12.80
N VAL A 42 -19.57 -6.58 -11.68
CA VAL A 42 -20.45 -6.41 -10.54
C VAL A 42 -19.83 -5.45 -9.54
N SER A 43 -20.58 -5.11 -8.50
CA SER A 43 -20.12 -4.22 -7.44
C SER A 43 -20.14 -4.84 -6.05
N ALA A 44 -20.99 -5.83 -5.81
CA ALA A 44 -21.03 -6.48 -4.51
C ALA A 44 -19.78 -7.33 -4.30
N ARG A 45 -19.05 -7.05 -3.21
CA ARG A 45 -17.84 -7.82 -2.92
C ARG A 45 -18.18 -9.29 -2.67
N LEU A 46 -19.32 -9.56 -2.04
CA LEU A 46 -19.73 -10.95 -1.81
C LEU A 46 -19.96 -11.69 -3.13
N ARG A 47 -20.42 -10.97 -4.16
CA ARG A 47 -20.57 -11.59 -5.47
C ARG A 47 -19.23 -11.81 -6.15
N MET A 48 -18.30 -10.86 -5.98
CA MET A 48 -16.97 -11.03 -6.55
C MET A 48 -16.25 -12.21 -5.92
N VAL A 49 -16.35 -12.35 -4.60
CA VAL A 49 -15.64 -13.41 -3.89
C VAL A 49 -16.12 -14.79 -4.35
N GLU A 50 -17.44 -14.94 -4.54
CA GLU A 50 -17.98 -16.23 -4.97
C GLU A 50 -17.64 -16.51 -6.43
N THR A 51 -17.52 -15.48 -7.25
CA THR A 51 -17.16 -15.68 -8.66
C THR A 51 -15.74 -16.21 -8.79
N LEU A 52 -14.79 -15.58 -8.08
CA LEU A 52 -13.41 -16.05 -8.13
C LEU A 52 -13.26 -17.38 -7.41
N SER A 53 -14.04 -17.60 -6.35
CA SER A 53 -14.00 -18.89 -5.66
C SER A 53 -14.41 -20.03 -6.60
N ASN A 54 -15.31 -19.76 -7.54
CA ASN A 54 -15.67 -20.77 -8.52
C ASN A 54 -14.49 -21.10 -9.45
N LEU A 55 -13.61 -20.14 -9.68
CA LEU A 55 -12.37 -20.44 -10.40
C LEU A 55 -11.48 -21.37 -9.60
N LEU A 56 -11.15 -20.97 -8.37
CA LEU A 56 -10.21 -21.75 -7.57
C LEU A 56 -10.74 -23.15 -7.28
N ARG A 57 -12.06 -23.30 -7.21
CA ARG A 57 -12.63 -24.64 -7.02
C ARG A 57 -12.34 -25.54 -8.23
N SER A 58 -12.48 -24.99 -9.44
CA SER A 58 -12.13 -25.76 -10.63
C SER A 58 -10.63 -26.00 -10.71
N VAL A 59 -9.83 -25.00 -10.31
CA VAL A 59 -8.38 -25.16 -10.35
C VAL A 59 -7.92 -26.20 -9.33
N VAL A 60 -8.43 -26.12 -8.11
CA VAL A 60 -8.00 -27.04 -7.05
C VAL A 60 -8.43 -28.47 -7.34
N ALA A 61 -9.38 -28.67 -8.26
CA ALA A 61 -9.86 -30.00 -8.60
C ALA A 61 -9.25 -30.55 -9.88
N LEU A 62 -9.01 -29.71 -10.88
CA LEU A 62 -8.49 -30.15 -12.16
C LEU A 62 -6.98 -29.98 -12.29
N SER A 63 -6.45 -28.81 -11.94
CA SER A 63 -5.03 -28.50 -12.08
C SER A 63 -4.51 -27.93 -10.77
N PRO A 64 -4.22 -28.77 -9.78
CA PRO A 64 -3.75 -28.27 -8.47
C PRO A 64 -2.49 -27.43 -8.58
N PRO A 65 -1.47 -27.83 -9.35
CA PRO A 65 -0.25 -27.00 -9.38
C PRO A 65 -0.47 -25.59 -9.91
N ASP A 66 -1.52 -25.34 -10.68
CA ASP A 66 -1.79 -24.02 -11.22
C ASP A 66 -2.49 -23.09 -10.23
N LEU A 67 -2.67 -23.51 -8.99
CA LEU A 67 -3.34 -22.67 -8.00
C LEU A 67 -2.47 -21.47 -7.64
N LEU A 68 -1.19 -21.69 -7.38
CA LEU A 68 -0.29 -20.60 -7.00
C LEU A 68 -0.21 -19.51 -8.08
N PRO A 69 0.01 -19.81 -9.36
CA PRO A 69 0.05 -18.71 -10.34
C PRO A 69 -1.28 -18.01 -10.51
N VAL A 70 -2.39 -18.74 -10.43
CA VAL A 70 -3.71 -18.11 -10.54
C VAL A 70 -3.94 -17.15 -9.39
N LEU A 71 -3.53 -17.54 -8.19
CA LEU A 71 -3.68 -16.66 -7.03
C LEU A 71 -2.87 -15.38 -7.19
N TYR A 72 -1.62 -15.51 -7.64
CA TYR A 72 -0.77 -14.32 -7.83
C TYR A 72 -1.29 -13.46 -8.97
N LEU A 73 -1.77 -14.08 -10.04
CA LEU A 73 -2.35 -13.31 -11.14
C LEU A 73 -3.56 -12.52 -10.68
N SER A 74 -4.36 -13.10 -9.78
CA SER A 74 -5.52 -12.37 -9.26
C SER A 74 -5.11 -11.26 -8.30
N LEU A 75 -3.99 -11.43 -7.61
CA LEU A 75 -3.47 -10.39 -6.73
C LEU A 75 -2.60 -9.37 -7.46
N ASN A 76 -2.22 -9.66 -8.71
CA ASN A 76 -1.26 -8.85 -9.45
C ASN A 76 0.04 -8.70 -8.65
N HIS A 77 0.47 -9.80 -8.04
CA HIS A 77 1.76 -9.88 -7.36
C HIS A 77 2.67 -10.84 -8.11
N LEU A 78 3.96 -10.73 -7.85
CA LEU A 78 4.95 -11.58 -8.50
C LEU A 78 5.44 -12.71 -7.60
N GLY A 79 5.22 -12.62 -6.29
CA GLY A 79 5.64 -13.64 -5.36
C GLY A 79 5.59 -13.15 -3.94
N PRO A 80 6.38 -13.78 -3.06
CA PRO A 80 6.43 -13.32 -1.67
C PRO A 80 6.99 -11.91 -1.59
N PRO A 81 6.52 -11.10 -0.64
CA PRO A 81 6.95 -9.69 -0.61
C PRO A 81 8.41 -9.52 -0.21
N GLN A 82 8.95 -10.41 0.62
CA GLN A 82 10.34 -10.26 1.04
C GLN A 82 11.34 -10.63 -0.05
N GLN A 83 10.87 -11.14 -1.19
CA GLN A 83 11.78 -11.44 -2.30
C GLN A 83 12.13 -10.19 -3.10
N GLY A 84 11.22 -9.23 -3.17
CA GLY A 84 11.52 -7.95 -3.79
C GLY A 84 11.44 -7.94 -5.30
N LEU A 85 10.69 -8.85 -5.91
CA LEU A 85 10.57 -8.86 -7.36
C LEU A 85 9.69 -7.69 -7.82
N ALA A 86 10.15 -6.98 -8.85
CA ALA A 86 9.44 -5.84 -9.39
C ALA A 86 9.55 -5.86 -10.92
N LEU A 87 8.46 -5.48 -11.59
CA LEU A 87 8.39 -5.60 -13.04
C LEU A 87 9.43 -4.71 -13.72
N GLY A 88 9.66 -3.51 -13.19
CA GLY A 88 10.52 -2.57 -13.87
C GLY A 88 9.97 -2.13 -15.22
N VAL A 89 8.65 -2.06 -15.34
CA VAL A 89 7.98 -1.72 -16.59
C VAL A 89 7.10 -0.51 -16.32
N GLY A 90 7.51 0.66 -16.81
CA GLY A 90 6.72 1.85 -16.67
C GLY A 90 5.64 1.95 -17.74
N ASP A 91 4.89 3.04 -17.68
CA ASP A 91 3.86 3.28 -18.68
C ASP A 91 4.48 3.45 -20.06
N GLY A 92 5.56 4.23 -20.15
CA GLY A 92 6.20 4.45 -21.44
C GLY A 92 6.71 3.18 -22.08
N VAL A 93 7.27 2.28 -21.26
CA VAL A 93 7.72 0.99 -21.79
C VAL A 93 6.53 0.16 -22.23
N LEU A 94 5.45 0.17 -21.47
CA LEU A 94 4.25 -0.59 -21.85
C LEU A 94 3.62 0.00 -23.10
N LEU A 95 3.50 1.34 -23.16
CA LEU A 95 2.93 1.97 -24.36
C LEU A 95 3.81 1.74 -25.57
N LYS A 96 5.13 1.74 -25.38
CA LYS A 96 6.04 1.44 -26.50
C LYS A 96 5.85 0.02 -26.98
N ALA A 97 5.69 -0.93 -26.05
CA ALA A 97 5.41 -2.30 -26.44
C ALA A 97 4.02 -2.43 -27.07
N VAL A 98 3.06 -1.61 -26.63
CA VAL A 98 1.73 -1.62 -27.22
C VAL A 98 1.78 -1.12 -28.65
N ALA A 99 2.48 0.00 -28.87
CA ALA A 99 2.59 0.55 -30.22
C ALA A 99 3.30 -0.42 -31.16
N GLN A 100 4.24 -1.21 -30.64
CA GLN A 100 4.92 -2.19 -31.47
C GLN A 100 4.07 -3.43 -31.72
N ALA A 101 3.20 -3.79 -30.77
CA ALA A 101 2.35 -4.95 -30.96
C ALA A 101 1.18 -4.64 -31.88
N THR A 102 0.44 -3.56 -31.59
CA THR A 102 -0.73 -3.20 -32.37
C THR A 102 -0.39 -2.52 -33.69
N GLY A 103 0.87 -2.16 -33.91
CA GLY A 103 1.26 -1.54 -35.17
C GLY A 103 0.89 -0.08 -35.30
N ARG A 104 0.83 0.65 -34.20
CA ARG A 104 0.52 2.07 -34.19
C ARG A 104 1.77 2.86 -33.77
N GLN A 105 1.65 4.18 -33.80
CA GLN A 105 2.72 5.06 -33.37
C GLN A 105 2.59 5.36 -31.88
N LEU A 106 3.74 5.57 -31.23
CA LEU A 106 3.75 5.79 -29.78
C LEU A 106 2.90 6.99 -29.40
N GLU A 107 2.93 8.06 -30.21
CA GLU A 107 2.12 9.22 -29.91
C GLU A 107 0.63 8.95 -30.08
N SER A 108 0.26 7.94 -30.87
CA SER A 108 -1.15 7.60 -31.02
C SER A 108 -1.67 6.85 -29.78
N VAL A 109 -0.87 5.93 -29.26
CA VAL A 109 -1.31 5.16 -28.09
C VAL A 109 -1.08 5.95 -26.79
N ARG A 110 -0.12 6.87 -26.77
CA ARG A 110 0.11 7.66 -25.57
C ARG A 110 -1.03 8.62 -25.31
N ALA A 111 -1.58 9.21 -26.37
CA ALA A 111 -2.71 10.12 -26.20
C ALA A 111 -4.00 9.36 -25.94
N GLU A 112 -4.13 8.16 -26.51
CA GLU A 112 -5.36 7.39 -26.32
C GLU A 112 -5.44 6.82 -24.91
N ALA A 113 -4.31 6.34 -24.37
CA ALA A 113 -4.32 5.82 -23.01
C ALA A 113 -4.50 6.93 -21.98
N ALA A 114 -3.95 8.11 -22.26
CA ALA A 114 -4.15 9.23 -21.35
C ALA A 114 -5.57 9.78 -21.42
N GLU A 115 -6.22 9.64 -22.57
CA GLU A 115 -7.58 10.11 -22.71
C GLU A 115 -8.57 9.18 -22.03
N LYS A 116 -8.38 7.86 -22.20
CA LYS A 116 -9.25 6.88 -21.57
C LYS A 116 -8.87 6.58 -20.12
N GLY A 117 -7.67 6.97 -19.68
CA GLY A 117 -7.24 6.65 -18.34
C GLY A 117 -7.03 5.18 -18.09
N ASP A 118 -6.81 4.39 -19.14
CA ASP A 118 -6.65 2.95 -18.99
C ASP A 118 -5.87 2.42 -20.20
N VAL A 119 -4.81 1.66 -19.93
CA VAL A 119 -4.01 1.09 -21.01
C VAL A 119 -4.62 -0.20 -21.54
N GLY A 120 -5.44 -0.89 -20.75
CA GLY A 120 -5.97 -2.17 -21.17
C GLY A 120 -6.88 -2.07 -22.38
N LEU A 121 -7.74 -1.06 -22.41
CA LEU A 121 -8.65 -0.89 -23.54
C LEU A 121 -7.89 -0.53 -24.82
N VAL A 122 -6.75 0.13 -24.69
CA VAL A 122 -5.98 0.50 -25.87
C VAL A 122 -5.25 -0.71 -26.46
N ALA A 123 -4.81 -1.64 -25.60
CA ALA A 123 -3.97 -2.73 -26.05
C ALA A 123 -4.70 -3.75 -26.92
N GLU A 124 -6.03 -3.84 -26.81
CA GLU A 124 -6.77 -4.84 -27.57
C GLU A 124 -7.15 -4.35 -28.97
N ASN A 125 -7.46 -3.07 -29.12
CA ASN A 125 -7.85 -2.52 -30.42
C ASN A 125 -6.67 -1.85 -31.10
N MET A 133 -1.77 -11.81 -38.86
CA MET A 133 -0.84 -12.84 -38.41
C MET A 133 -1.54 -14.18 -38.20
N LEU A 134 -0.76 -15.24 -38.05
CA LEU A 134 -1.33 -16.56 -37.81
C LEU A 134 -1.56 -16.77 -36.31
N PRO A 135 -2.62 -17.48 -35.92
CA PRO A 135 -2.96 -17.60 -34.50
C PRO A 135 -1.95 -18.47 -33.77
N PRO A 136 -1.29 -17.93 -32.75
CA PRO A 136 -0.37 -18.74 -31.95
C PRO A 136 -1.15 -19.63 -30.99
N PRO A 137 -0.48 -20.55 -30.30
CA PRO A 137 -1.17 -21.35 -29.29
C PRO A 137 -1.72 -20.46 -28.20
N PRO A 138 -2.83 -20.84 -27.58
CA PRO A 138 -3.45 -19.99 -26.56
C PRO A 138 -2.57 -19.83 -25.34
N LEU A 139 -2.82 -18.75 -24.60
CA LEU A 139 -1.99 -18.40 -23.46
C LEU A 139 -2.34 -19.24 -22.23
N THR A 140 -1.32 -19.56 -21.45
CA THR A 140 -1.47 -20.38 -20.25
C THR A 140 -1.38 -19.47 -19.02
N ALA A 141 -2.19 -19.77 -18.00
CA ALA A 141 -2.15 -19.00 -16.77
C ALA A 141 -0.76 -19.04 -16.14
N SER A 142 -0.20 -20.25 -15.99
CA SER A 142 1.14 -20.37 -15.43
C SER A 142 2.20 -19.85 -16.40
N GLY A 143 1.96 -19.96 -17.70
CA GLY A 143 2.91 -19.44 -18.66
C GLY A 143 2.96 -17.92 -18.66
N VAL A 144 1.80 -17.27 -18.53
CA VAL A 144 1.76 -15.82 -18.44
C VAL A 144 2.42 -15.35 -17.14
N PHE A 145 2.14 -16.04 -16.04
CA PHE A 145 2.77 -15.70 -14.77
C PHE A 145 4.28 -15.86 -14.84
N SER A 146 4.75 -16.88 -15.56
CA SER A 146 6.18 -17.09 -15.73
C SER A 146 6.79 -15.99 -16.59
N LYS A 147 6.06 -15.51 -17.60
CA LYS A 147 6.54 -14.41 -18.40
C LYS A 147 6.63 -13.12 -17.58
N PHE A 148 5.66 -12.91 -16.69
CA PHE A 148 5.73 -11.75 -15.80
C PHE A 148 6.98 -11.80 -14.93
N ARG A 149 7.28 -12.96 -14.36
CA ARG A 149 8.48 -13.10 -13.54
C ARG A 149 9.74 -12.99 -14.38
N ASP A 150 9.71 -13.48 -15.63
CA ASP A 150 10.86 -13.31 -16.51
C ASP A 150 11.13 -11.85 -16.80
N ILE A 151 10.08 -11.04 -16.91
CA ILE A 151 10.24 -9.61 -17.11
C ILE A 151 10.88 -8.97 -15.88
N ALA A 152 10.39 -9.33 -14.70
CA ALA A 152 10.89 -8.73 -13.47
C ALA A 152 12.37 -9.07 -13.24
N ARG A 153 12.81 -10.23 -13.70
CA ARG A 153 14.18 -10.67 -13.46
C ARG A 153 15.19 -10.08 -14.44
N LEU A 154 14.73 -9.44 -15.51
CA LEU A 154 15.63 -8.85 -16.49
C LEU A 154 16.19 -7.55 -15.94
N THR A 155 17.51 -7.50 -15.74
CA THR A 155 18.19 -6.33 -15.21
C THR A 155 19.39 -5.99 -16.10
N GLY A 156 20.03 -4.87 -15.79
CA GLY A 156 21.24 -4.49 -16.47
C GLY A 156 21.02 -3.74 -17.77
N SER A 157 22.10 -3.63 -18.53
CA SER A 157 22.08 -2.87 -19.78
C SER A 157 21.22 -3.58 -20.83
N ALA A 158 20.44 -2.79 -21.56
CA ALA A 158 19.58 -3.26 -22.66
C ALA A 158 18.50 -4.22 -22.16
N SER A 159 18.15 -4.15 -20.88
CA SER A 159 17.11 -5.05 -20.36
C SER A 159 15.72 -4.57 -20.73
N THR A 160 15.52 -3.25 -20.87
CA THR A 160 14.20 -2.73 -21.23
C THR A 160 13.76 -3.25 -22.59
N ALA A 161 14.68 -3.28 -23.56
CA ALA A 161 14.34 -3.83 -24.87
C ALA A 161 14.02 -5.32 -24.81
N LYS A 162 14.55 -6.02 -23.81
CA LYS A 162 14.21 -7.43 -23.62
C LYS A 162 12.86 -7.60 -22.94
N LYS A 163 12.45 -6.63 -22.11
CA LYS A 163 11.13 -6.68 -21.50
C LYS A 163 10.04 -6.41 -22.55
N ILE A 164 10.28 -5.44 -23.44
CA ILE A 164 9.30 -5.14 -24.48
C ILE A 164 9.08 -6.35 -25.38
N ASP A 165 10.15 -7.11 -25.66
CA ASP A 165 10.02 -8.29 -26.51
C ASP A 165 9.09 -9.32 -25.88
N ILE A 166 9.21 -9.54 -24.58
CA ILE A 166 8.32 -10.49 -23.90
C ILE A 166 6.90 -9.96 -23.89
N ILE A 167 6.73 -8.68 -23.57
CA ILE A 167 5.40 -8.07 -23.55
C ILE A 167 4.75 -8.16 -24.92
N LYS A 168 5.53 -7.91 -25.98
CA LYS A 168 5.02 -8.08 -27.33
C LYS A 168 4.66 -9.55 -27.59
N GLY A 169 5.45 -10.48 -27.05
CA GLY A 169 5.16 -11.89 -27.23
C GLY A 169 3.85 -12.32 -26.59
N LEU A 170 3.49 -11.69 -25.47
CA LEU A 170 2.20 -11.97 -24.85
C LEU A 170 1.06 -11.36 -25.67
N PHE A 171 1.23 -10.11 -26.09
CA PHE A 171 0.15 -9.40 -26.78
C PHE A 171 -0.21 -10.05 -28.11
N VAL A 172 0.78 -10.61 -28.82
CA VAL A 172 0.48 -11.21 -30.11
C VAL A 172 -0.23 -12.55 -29.96
N ALA A 173 -0.22 -13.13 -28.76
CA ALA A 173 -0.92 -14.38 -28.49
C ALA A 173 -2.24 -14.17 -27.78
N CYS A 174 -2.59 -12.93 -27.44
CA CYS A 174 -3.82 -12.66 -26.73
C CYS A 174 -5.03 -12.82 -27.65
N ARG A 175 -6.16 -13.23 -27.07
CA ARG A 175 -7.41 -13.36 -27.78
C ARG A 175 -8.53 -12.76 -26.94
N HIS A 176 -9.49 -12.12 -27.61
CA HIS A 176 -10.65 -11.52 -26.97
C HIS A 176 -10.27 -10.49 -25.91
N SER A 177 -10.31 -10.88 -24.65
CA SER A 177 -10.12 -9.95 -23.53
C SER A 177 -8.80 -10.13 -22.82
N GLU A 178 -7.89 -10.94 -23.35
CA GLU A 178 -6.63 -11.21 -22.66
C GLU A 178 -5.71 -10.00 -22.70
N ALA A 179 -5.72 -9.24 -23.81
CA ALA A 179 -4.85 -8.08 -23.92
C ALA A 179 -5.25 -6.98 -22.95
N ARG A 180 -6.53 -6.94 -22.56
CA ARG A 180 -6.97 -5.92 -21.62
C ARG A 180 -6.34 -6.12 -20.24
N PHE A 181 -6.34 -7.36 -19.76
CA PHE A 181 -5.90 -7.64 -18.39
C PHE A 181 -4.41 -7.89 -18.28
N ILE A 182 -3.74 -8.27 -19.37
CA ILE A 182 -2.28 -8.36 -19.33
C ILE A 182 -1.68 -6.96 -19.27
N ALA A 183 -2.18 -6.05 -20.11
CA ALA A 183 -1.70 -4.67 -20.08
C ALA A 183 -2.01 -4.01 -18.74
N ARG A 184 -3.21 -4.23 -18.21
CA ARG A 184 -3.55 -3.66 -16.91
C ARG A 184 -2.67 -4.22 -15.80
N SER A 185 -2.37 -5.52 -15.85
CA SER A 185 -1.51 -6.12 -14.84
C SER A 185 -0.10 -5.56 -14.94
N LEU A 186 0.42 -5.42 -16.16
CA LEU A 186 1.78 -4.92 -16.33
C LEU A 186 1.91 -3.47 -15.86
N SER A 187 0.86 -2.67 -16.02
CA SER A 187 0.89 -1.28 -15.56
C SER A 187 0.60 -1.13 -14.07
N GLY A 188 0.21 -2.20 -13.39
CA GLY A 188 -0.03 -2.16 -11.97
C GLY A 188 -1.43 -1.71 -11.56
N ARG A 189 -2.35 -1.56 -12.50
CA ARG A 189 -3.72 -1.13 -12.21
C ARG A 189 -4.67 -2.19 -12.76
N LEU A 190 -4.83 -3.29 -12.02
CA LEU A 190 -5.75 -4.33 -12.44
C LEU A 190 -7.19 -3.83 -12.43
N ARG A 191 -7.53 -2.96 -11.47
CA ARG A 191 -8.84 -2.30 -11.42
C ARG A 191 -9.98 -3.31 -11.40
N LEU A 192 -9.90 -4.26 -10.47
CA LEU A 192 -10.90 -5.31 -10.37
C LEU A 192 -11.94 -5.06 -9.28
N GLY A 193 -11.69 -4.14 -8.36
CA GLY A 193 -12.53 -4.01 -7.19
C GLY A 193 -12.38 -5.13 -6.20
N LEU A 194 -11.40 -6.00 -6.38
CA LEU A 194 -11.16 -7.14 -5.51
C LEU A 194 -9.66 -7.27 -5.30
N ALA A 195 -9.23 -7.21 -4.04
CA ALA A 195 -7.81 -7.27 -3.74
C ALA A 195 -7.50 -8.39 -2.76
N GLU A 196 -6.50 -8.16 -1.89
CA GLU A 196 -5.99 -9.22 -1.04
C GLU A 196 -7.09 -9.86 -0.19
N GLN A 197 -7.78 -9.05 0.62
CA GLN A 197 -8.75 -9.58 1.57
C GLN A 197 -9.81 -10.43 0.88
N SER A 198 -10.28 -10.01 -0.30
CA SER A 198 -11.27 -10.81 -1.01
C SER A 198 -10.66 -12.08 -1.58
N VAL A 199 -9.38 -12.04 -1.95
CA VAL A 199 -8.73 -13.22 -2.51
C VAL A 199 -8.60 -14.30 -1.44
N LEU A 200 -8.23 -13.93 -0.22
CA LEU A 200 -8.17 -14.90 0.86
C LEU A 200 -9.55 -15.49 1.16
N ALA A 201 -10.56 -14.61 1.31
CA ALA A 201 -11.91 -15.09 1.57
C ALA A 201 -12.40 -16.01 0.47
N ALA A 202 -12.05 -15.69 -0.79
CA ALA A 202 -12.45 -16.55 -1.89
C ALA A 202 -11.63 -17.84 -1.92
N LEU A 203 -10.39 -17.80 -1.43
CA LEU A 203 -9.61 -19.03 -1.31
C LEU A 203 -10.14 -19.92 -0.20
N SER A 204 -10.56 -19.32 0.92
CA SER A 204 -11.17 -20.08 1.99
C SER A 204 -12.45 -20.77 1.52
N GLN A 205 -13.27 -20.06 0.76
CA GLN A 205 -14.51 -20.63 0.25
C GLN A 205 -14.24 -21.76 -0.73
N ALA A 206 -13.13 -21.69 -1.48
CA ALA A 206 -12.84 -22.71 -2.49
C ALA A 206 -12.39 -24.01 -1.83
N VAL A 207 -11.50 -23.93 -0.84
CA VAL A 207 -10.99 -25.13 -0.20
C VAL A 207 -12.07 -25.76 0.67
N SER A 208 -12.91 -24.93 1.30
CA SER A 208 -13.99 -25.47 2.12
C SER A 208 -15.04 -26.16 1.28
N LEU A 209 -15.46 -25.52 0.18
CA LEU A 209 -16.48 -26.10 -0.68
C LEU A 209 -15.94 -27.32 -1.44
N THR A 210 -14.85 -27.13 -2.18
CA THR A 210 -14.20 -28.22 -2.89
C THR A 210 -12.86 -28.54 -2.23
N PRO A 211 -12.80 -29.52 -1.34
CA PRO A 211 -11.56 -29.81 -0.63
C PRO A 211 -10.50 -30.36 -1.58
N PRO A 212 -9.25 -29.95 -1.41
CA PRO A 212 -8.17 -30.46 -2.26
C PRO A 212 -7.73 -31.85 -1.81
N GLY A 213 -6.96 -32.50 -2.68
CA GLY A 213 -6.42 -33.82 -2.40
C GLY A 213 -7.33 -34.98 -2.72
N GLN A 214 -8.35 -34.76 -3.54
CA GLN A 214 -9.28 -35.83 -3.93
C GLN A 214 -8.82 -36.44 -5.25
N GLU A 215 -8.79 -37.78 -5.29
CA GLU A 215 -8.44 -38.47 -6.52
C GLU A 215 -9.51 -38.21 -7.58
N PHE A 216 -9.08 -37.80 -8.76
CA PHE A 216 -10.02 -37.43 -9.80
C PHE A 216 -10.81 -38.65 -10.27
N PRO A 217 -12.13 -38.52 -10.47
CA PRO A 217 -12.94 -37.31 -10.25
C PRO A 217 -13.19 -37.08 -8.75
N PRO A 218 -13.18 -35.82 -8.31
CA PRO A 218 -13.31 -35.54 -6.87
C PRO A 218 -14.65 -36.03 -6.34
N ALA A 219 -14.60 -36.71 -5.20
CA ALA A 219 -15.79 -37.26 -4.59
C ALA A 219 -16.73 -36.19 -4.04
N MET A 220 -16.27 -34.94 -3.92
CA MET A 220 -17.10 -33.89 -3.35
C MET A 220 -16.75 -32.56 -4.01
N VAL A 221 -17.77 -31.76 -4.30
CA VAL A 221 -17.62 -30.53 -5.05
C VAL A 221 -18.26 -29.35 -4.31
N ASP A 222 -19.36 -29.59 -3.61
CA ASP A 222 -20.10 -28.52 -2.92
C ASP A 222 -20.47 -29.02 -1.51
N ALA A 223 -19.55 -28.83 -0.57
CA ALA A 223 -19.75 -29.28 0.80
C ALA A 223 -20.81 -28.48 1.55
N GLY A 224 -21.37 -27.44 0.94
CA GLY A 224 -22.45 -26.69 1.55
C GLY A 224 -23.80 -27.21 1.13
N LYS A 225 -23.86 -28.49 0.74
CA LYS A 225 -25.12 -29.08 0.29
C LYS A 225 -26.02 -29.46 1.46
N GLY A 226 -25.47 -30.19 2.43
CA GLY A 226 -26.25 -30.65 3.57
C GLY A 226 -26.27 -29.68 4.72
N LYS A 227 -26.28 -28.38 4.42
CA LYS A 227 -26.32 -27.34 5.45
C LYS A 227 -27.45 -26.37 5.13
N THR A 228 -27.94 -25.70 6.18
CA THR A 228 -28.91 -24.64 5.99
C THR A 228 -28.19 -23.35 5.60
N ALA A 229 -28.98 -22.36 5.17
CA ALA A 229 -28.40 -21.09 4.74
C ALA A 229 -27.71 -20.36 5.87
N GLU A 230 -28.16 -20.56 7.12
CA GLU A 230 -27.53 -19.92 8.26
C GLU A 230 -26.24 -20.62 8.65
N ALA A 231 -26.23 -21.95 8.67
CA ALA A 231 -25.04 -22.69 9.08
C ALA A 231 -23.95 -22.62 8.02
N ARG A 232 -24.32 -22.47 6.75
CA ARG A 232 -23.31 -22.37 5.70
C ARG A 232 -22.53 -21.07 5.80
N LYS A 233 -23.21 -19.96 6.10
CA LYS A 233 -22.52 -18.69 6.25
C LYS A 233 -21.61 -18.68 7.46
N THR A 234 -22.04 -19.33 8.55
CA THR A 234 -21.19 -19.42 9.74
C THR A 234 -20.01 -20.34 9.52
N TRP A 235 -20.22 -21.42 8.76
CA TRP A 235 -19.13 -22.37 8.48
C TRP A 235 -18.06 -21.74 7.61
N LEU A 236 -18.47 -21.04 6.55
CA LEU A 236 -17.50 -20.39 5.68
C LEU A 236 -16.81 -19.22 6.37
N GLU A 237 -17.52 -18.51 7.25
CA GLU A 237 -16.90 -17.41 7.98
C GLU A 237 -15.87 -17.94 8.98
N GLU A 238 -16.17 -19.04 9.65
CA GLU A 238 -15.21 -19.65 10.56
C GLU A 238 -14.01 -20.20 9.80
N GLN A 239 -14.25 -20.81 8.64
CA GLN A 239 -13.15 -21.31 7.82
C GLN A 239 -12.32 -20.18 7.23
N GLY A 240 -12.94 -19.03 6.95
CA GLY A 240 -12.20 -17.92 6.42
C GLY A 240 -11.26 -17.28 7.42
N MET A 241 -11.65 -17.27 8.70
CA MET A 241 -10.82 -16.65 9.72
C MET A 241 -9.57 -17.48 10.03
N ILE A 242 -9.65 -18.79 9.83
CA ILE A 242 -8.46 -19.63 10.01
C ILE A 242 -7.39 -19.27 8.98
N LEU A 243 -7.80 -19.05 7.74
CA LEU A 243 -6.83 -18.70 6.70
C LEU A 243 -6.32 -17.28 6.88
N LYS A 244 -7.23 -16.34 7.16
CA LYS A 244 -6.82 -14.95 7.29
C LYS A 244 -5.86 -14.75 8.46
N GLN A 245 -6.04 -15.51 9.55
CA GLN A 245 -5.14 -15.37 10.69
C GLN A 245 -3.79 -16.00 10.41
N THR A 246 -3.77 -17.18 9.77
CA THR A 246 -2.51 -17.81 9.42
C THR A 246 -1.72 -16.94 8.44
N PHE A 247 -2.40 -16.35 7.47
CA PHE A 247 -1.72 -15.48 6.51
C PHE A 247 -1.21 -14.20 7.18
N CYS A 248 -1.84 -13.78 8.28
CA CYS A 248 -1.36 -12.59 8.98
C CYS A 248 -0.02 -12.83 9.67
N GLU A 249 0.24 -14.08 10.06
CA GLU A 249 1.53 -14.44 10.63
C GLU A 249 2.50 -14.93 9.56
N VAL A 250 2.00 -15.46 8.45
CA VAL A 250 2.83 -15.88 7.33
C VAL A 250 2.22 -15.33 6.04
N PRO A 251 2.46 -14.06 5.71
CA PRO A 251 1.97 -13.52 4.42
C PRO A 251 2.83 -13.99 3.25
N ASP A 252 2.79 -15.30 3.01
CA ASP A 252 3.61 -15.92 1.96
C ASP A 252 2.80 -17.06 1.36
N LEU A 253 2.37 -16.87 0.10
CA LEU A 253 1.59 -17.91 -0.57
C LEU A 253 2.46 -19.09 -1.01
N ASP A 254 3.75 -18.85 -1.26
CA ASP A 254 4.65 -19.94 -1.61
C ASP A 254 4.81 -20.94 -0.48
N ARG A 255 4.54 -20.52 0.76
CA ARG A 255 4.59 -21.41 1.92
C ARG A 255 3.24 -21.97 2.30
N ILE A 256 2.17 -21.17 2.19
CA ILE A 256 0.86 -21.60 2.67
C ILE A 256 0.24 -22.60 1.69
N ILE A 257 0.32 -22.31 0.39
CA ILE A 257 -0.38 -23.13 -0.60
C ILE A 257 0.10 -24.58 -0.58
N PRO A 258 1.40 -24.88 -0.58
CA PRO A 258 1.80 -26.30 -0.53
C PRO A 258 1.32 -27.02 0.71
N VAL A 259 1.42 -26.38 1.88
CA VAL A 259 0.91 -26.98 3.11
C VAL A 259 -0.61 -27.09 3.05
N LEU A 260 -1.27 -26.08 2.48
CA LEU A 260 -2.72 -26.09 2.36
C LEU A 260 -3.19 -27.23 1.46
N LEU A 261 -2.45 -27.51 0.39
CA LEU A 261 -2.87 -28.51 -0.58
C LEU A 261 -2.71 -29.95 -0.05
N GLU A 262 -1.79 -30.17 0.88
CA GLU A 262 -1.50 -31.51 1.38
C GLU A 262 -2.02 -31.76 2.79
N HIS A 263 -2.47 -30.73 3.50
CA HIS A 263 -2.90 -30.90 4.88
C HIS A 263 -4.25 -30.26 5.18
N GLY A 264 -4.85 -29.55 4.23
CA GLY A 264 -6.17 -28.97 4.41
C GLY A 264 -6.13 -27.67 5.19
N LEU A 265 -7.29 -27.00 5.21
CA LEU A 265 -7.40 -25.71 5.88
C LEU A 265 -7.40 -25.86 7.40
N GLU A 266 -8.08 -26.90 7.91
CA GLU A 266 -8.20 -27.06 9.36
C GLU A 266 -6.85 -27.31 10.02
N ARG A 267 -5.94 -27.98 9.32
CA ARG A 267 -4.61 -28.27 9.85
C ARG A 267 -3.57 -27.24 9.45
N LEU A 268 -3.99 -26.13 8.82
CA LEU A 268 -3.02 -25.13 8.37
C LEU A 268 -2.28 -24.45 9.53
N PRO A 269 -2.93 -24.01 10.61
CA PRO A 269 -2.18 -23.33 11.68
C PRO A 269 -1.17 -24.22 12.37
N GLU A 270 -1.26 -25.55 12.22
CA GLU A 270 -0.33 -26.44 12.90
C GLU A 270 1.04 -26.46 12.23
N HIS A 271 1.10 -26.18 10.92
CA HIS A 271 2.34 -26.17 10.17
C HIS A 271 2.84 -24.76 9.85
N CYS A 272 1.95 -23.89 9.40
CA CYS A 272 2.31 -22.50 9.11
C CYS A 272 2.09 -21.68 10.37
N LYS A 273 3.17 -21.40 11.10
CA LYS A 273 3.10 -20.66 12.34
C LYS A 273 4.10 -19.50 12.30
N LEU A 274 3.81 -18.47 13.09
CA LEU A 274 4.70 -17.33 13.18
C LEU A 274 6.05 -17.76 13.73
N SER A 275 7.12 -17.33 13.08
CA SER A 275 8.48 -17.69 13.46
C SER A 275 9.41 -16.57 13.07
N PRO A 276 10.51 -16.37 13.80
CA PRO A 276 11.49 -15.36 13.39
C PRO A 276 12.09 -15.68 12.03
N GLY A 277 12.42 -14.63 11.29
CA GLY A 277 12.90 -14.75 9.94
C GLY A 277 11.82 -14.66 8.88
N ILE A 278 10.58 -15.00 9.23
CA ILE A 278 9.45 -14.89 8.33
C ILE A 278 8.67 -13.63 8.70
N PRO A 279 8.59 -12.63 7.82
CA PRO A 279 7.89 -11.39 8.18
C PRO A 279 6.40 -11.63 8.42
N LEU A 280 5.82 -10.77 9.24
CA LEU A 280 4.41 -10.86 9.61
C LEU A 280 3.73 -9.53 9.33
N LYS A 281 2.42 -9.59 9.15
CA LYS A 281 1.65 -8.38 8.88
C LYS A 281 1.62 -7.51 10.12
N PRO A 282 1.97 -6.23 10.03
CA PRO A 282 2.02 -5.38 11.21
C PRO A 282 0.65 -4.84 11.60
N MET A 283 0.56 -4.43 12.85
CA MET A 283 -0.67 -3.83 13.37
C MET A 283 -0.79 -2.40 12.87
N LEU A 284 -1.91 -2.09 12.21
CA LEU A 284 -2.15 -0.77 11.66
C LEU A 284 -3.00 0.06 12.61
N ALA A 285 -3.09 1.36 12.30
CA ALA A 285 -3.79 2.32 13.15
C ALA A 285 -4.99 2.90 12.42
N HIS A 286 -5.99 3.31 13.20
CA HIS A 286 -7.21 3.92 12.67
C HIS A 286 -7.25 5.39 13.04
N PRO A 287 -7.46 6.29 12.08
CA PRO A 287 -7.45 7.72 12.39
C PRO A 287 -8.70 8.13 13.16
N THR A 288 -8.49 8.82 14.28
CA THR A 288 -9.57 9.29 15.14
C THR A 288 -9.62 10.81 15.12
N ARG A 289 -10.84 11.36 15.20
CA ARG A 289 -11.04 12.80 15.10
C ARG A 289 -10.40 13.52 16.29
N GLY A 290 -11.06 13.48 17.44
CA GLY A 290 -10.54 14.12 18.63
C GLY A 290 -10.46 13.17 19.82
N ILE A 291 -10.19 13.71 21.01
CA ILE A 291 -10.09 12.87 22.19
C ILE A 291 -11.45 12.33 22.61
N SER A 292 -12.55 12.98 22.20
CA SER A 292 -13.88 12.47 22.51
C SER A 292 -14.17 11.20 21.71
N GLU A 293 -13.72 11.17 20.45
CA GLU A 293 -13.82 9.93 19.68
C GLU A 293 -12.94 8.83 20.27
N VAL A 294 -11.82 9.21 20.87
CA VAL A 294 -10.99 8.23 21.57
C VAL A 294 -11.74 7.66 22.77
N LEU A 295 -12.23 8.53 23.65
CA LEU A 295 -12.94 8.08 24.84
C LEU A 295 -14.20 7.30 24.50
N LYS A 296 -14.64 7.28 23.25
CA LYS A 296 -15.78 6.49 22.82
C LYS A 296 -15.47 5.01 22.65
N ARG A 297 -14.30 4.56 23.10
CA ARG A 297 -13.95 3.15 23.00
C ARG A 297 -14.09 2.47 24.36
N GLU A 300 -14.47 3.03 27.36
CA GLU A 300 -15.03 1.91 28.10
C GLU A 300 -13.94 0.92 28.52
N ALA A 301 -12.69 1.27 28.25
CA ALA A 301 -11.57 0.41 28.60
C ALA A 301 -10.33 1.27 28.80
N ALA A 302 -9.33 0.68 29.45
CA ALA A 302 -8.07 1.37 29.74
C ALA A 302 -7.14 1.27 28.54
N PHE A 303 -6.54 2.39 28.17
CA PHE A 303 -5.61 2.45 27.05
C PHE A 303 -4.35 3.20 27.47
N THR A 304 -3.32 3.10 26.63
CA THR A 304 -2.07 3.82 26.82
C THR A 304 -1.85 4.75 25.64
N CYS A 305 -1.28 5.92 25.93
CA CYS A 305 -0.98 6.93 24.91
C CYS A 305 0.52 7.01 24.73
N GLU A 306 0.99 6.66 23.53
CA GLU A 306 2.41 6.71 23.20
C GLU A 306 2.64 7.70 22.07
N TYR A 307 3.87 8.21 22.01
CA TYR A 307 4.26 9.12 20.94
C TYR A 307 4.16 8.42 19.59
N LYS A 308 3.77 9.19 18.57
CA LYS A 308 3.79 8.71 17.19
C LYS A 308 5.07 9.23 16.55
N TYR A 309 6.10 8.39 16.53
CA TYR A 309 7.41 8.80 16.03
C TYR A 309 7.42 8.81 14.50
N ASP A 310 8.00 9.86 13.94
CA ASP A 310 8.01 10.08 12.49
C ASP A 310 9.25 9.42 11.90
N GLY A 311 9.13 8.12 11.62
CA GLY A 311 10.21 7.37 11.01
C GLY A 311 9.70 6.35 10.01
N GLN A 312 10.24 5.14 10.06
CA GLN A 312 9.77 4.03 9.25
C GLN A 312 9.55 2.82 10.15
N ARG A 313 8.48 2.07 9.87
CA ARG A 313 8.24 0.81 10.58
C ARG A 313 9.38 -0.16 10.31
N ALA A 314 9.91 -0.75 11.38
CA ALA A 314 11.01 -1.69 11.27
C ALA A 314 10.81 -2.78 12.31
N GLN A 315 10.41 -3.97 11.87
CA GLN A 315 10.25 -5.10 12.77
C GLN A 315 11.54 -5.91 12.79
N ILE A 316 12.09 -6.11 13.99
CA ILE A 316 13.37 -6.78 14.17
C ILE A 316 13.12 -8.27 14.33
N HIS A 317 13.87 -9.08 13.60
CA HIS A 317 13.78 -10.54 13.68
C HIS A 317 15.12 -11.08 14.15
N ALA A 318 15.14 -11.65 15.36
CA ALA A 318 16.33 -12.28 15.92
C ALA A 318 16.11 -13.79 15.91
N LEU A 319 17.00 -14.50 15.22
CA LEU A 319 16.90 -15.95 15.10
C LEU A 319 17.57 -16.64 16.28
N GLU A 320 17.38 -17.96 16.37
CA GLU A 320 17.99 -18.72 17.45
C GLU A 320 19.50 -18.80 17.29
N GLY A 321 19.97 -19.01 16.06
CA GLY A 321 21.41 -19.09 15.83
C GLY A 321 22.13 -17.77 16.06
N GLY A 322 21.45 -16.65 15.81
CA GLY A 322 22.05 -15.35 16.00
C GLY A 322 21.82 -14.39 14.85
N GLU A 323 21.40 -14.93 13.71
CA GLU A 323 21.15 -14.10 12.54
C GLU A 323 20.00 -13.14 12.81
N VAL A 324 20.14 -11.92 12.29
CA VAL A 324 19.16 -10.85 12.49
C VAL A 324 18.69 -10.36 11.12
N LYS A 325 17.37 -10.28 10.94
CA LYS A 325 16.76 -9.78 9.72
C LYS A 325 15.83 -8.62 10.06
N ILE A 326 15.79 -7.62 9.19
CA ILE A 326 14.96 -6.44 9.35
C ILE A 326 13.94 -6.42 8.22
N PHE A 327 12.66 -6.27 8.58
CA PHE A 327 11.59 -6.21 7.60
C PHE A 327 10.82 -4.91 7.74
N SER A 328 10.21 -4.47 6.64
CA SER A 328 9.53 -3.20 6.60
C SER A 328 8.03 -3.38 6.88
N ARG A 329 7.29 -2.27 6.76
CA ARG A 329 5.85 -2.32 6.93
C ARG A 329 5.18 -3.20 5.88
N ASN A 330 5.79 -3.31 4.70
CA ASN A 330 5.25 -4.11 3.60
C ASN A 330 5.92 -5.47 3.49
N GLN A 331 6.54 -5.95 4.57
CA GLN A 331 7.26 -7.23 4.62
C GLN A 331 8.45 -7.28 3.67
N ALA A 332 8.90 -6.12 3.18
CA ALA A 332 10.10 -6.07 2.36
C ALA A 332 11.34 -6.27 3.23
N ASP A 333 12.37 -6.89 2.64
CA ASP A 333 13.60 -7.15 3.36
C ASP A 333 14.43 -5.87 3.46
N ASN A 334 14.67 -5.41 4.67
CA ASN A 334 15.47 -4.21 4.93
C ASN A 334 16.72 -4.54 5.73
N THR A 335 17.20 -5.78 5.64
CA THR A 335 18.37 -6.20 6.41
C THR A 335 19.62 -5.48 5.94
N GLY A 336 19.88 -5.50 4.64
CA GLY A 336 21.06 -4.83 4.09
C GLY A 336 21.02 -3.32 4.18
N LYS A 337 19.90 -2.75 4.61
CA LYS A 337 19.75 -1.31 4.74
C LYS A 337 20.15 -0.81 6.11
N TYR A 338 20.08 -1.65 7.14
CA TYR A 338 20.40 -1.29 8.52
C TYR A 338 21.56 -2.15 9.03
N PRO A 339 22.78 -1.93 8.54
CA PRO A 339 23.93 -2.64 9.13
C PRO A 339 24.26 -2.16 10.53
N ASP A 340 23.91 -0.92 10.88
CA ASP A 340 24.16 -0.41 12.23
C ASP A 340 23.22 -1.03 13.24
N ILE A 341 22.03 -1.47 12.80
CA ILE A 341 21.09 -2.10 13.73
C ILE A 341 21.53 -3.52 14.05
N ILE A 342 22.10 -4.23 13.06
CA ILE A 342 22.53 -5.60 13.27
C ILE A 342 23.65 -5.65 14.31
N SER A 343 24.55 -4.66 14.28
CA SER A 343 25.64 -4.64 15.24
C SER A 343 25.19 -4.29 16.65
N ARG A 344 24.06 -3.59 16.78
CA ARG A 344 23.55 -3.17 18.08
C ARG A 344 22.60 -4.19 18.71
N ILE A 345 22.47 -5.38 18.11
CA ILE A 345 21.56 -6.39 18.64
C ILE A 345 21.98 -6.87 20.02
N PRO A 346 23.27 -7.12 20.31
CA PRO A 346 23.62 -7.53 21.68
C PRO A 346 23.38 -6.44 22.72
N LYS A 347 23.53 -5.17 22.35
CA LYS A 347 23.43 -4.07 23.31
C LYS A 347 22.00 -3.69 23.64
N ILE A 348 21.01 -4.44 23.16
CA ILE A 348 19.60 -4.11 23.42
C ILE A 348 18.85 -5.26 24.09
N LYS A 349 19.42 -6.46 24.14
CA LYS A 349 18.77 -7.61 24.73
C LYS A 349 19.55 -8.08 25.94
N LEU A 350 18.83 -8.62 26.93
CA LEU A 350 19.47 -9.24 28.06
C LEU A 350 20.14 -10.55 27.62
N PRO A 351 21.16 -11.01 28.35
CA PRO A 351 21.82 -12.27 27.97
C PRO A 351 20.88 -13.46 27.91
N SER A 352 19.74 -13.42 28.58
CA SER A 352 18.79 -14.53 28.56
C SER A 352 17.92 -14.56 27.30
N VAL A 353 18.03 -13.55 26.43
CA VAL A 353 17.23 -13.49 25.21
C VAL A 353 17.94 -14.27 24.12
N THR A 354 17.20 -15.16 23.44
CA THR A 354 17.75 -15.97 22.37
C THR A 354 17.11 -15.75 21.02
N SER A 355 15.90 -15.17 20.97
CA SER A 355 15.20 -14.90 19.73
C SER A 355 14.01 -14.00 20.04
N PHE A 356 13.77 -13.01 19.19
CA PHE A 356 12.68 -12.07 19.43
C PHE A 356 12.20 -11.47 18.13
N ILE A 357 10.91 -11.14 18.09
CA ILE A 357 10.33 -10.30 17.04
C ILE A 357 9.94 -8.98 17.70
N LEU A 358 10.59 -7.90 17.30
CA LEU A 358 10.37 -6.58 17.87
C LEU A 358 9.58 -5.72 16.89
N ASP A 359 8.74 -4.84 17.43
CA ASP A 359 7.98 -3.88 16.63
C ASP A 359 8.48 -2.49 17.02
N THR A 360 9.33 -1.91 16.18
CA THR A 360 9.98 -0.64 16.47
C THR A 360 9.71 0.36 15.36
N GLU A 361 10.10 1.60 15.61
CA GLU A 361 10.05 2.69 14.63
C GLU A 361 11.44 3.27 14.52
N ALA A 362 12.07 3.10 13.36
CA ALA A 362 13.40 3.65 13.11
C ALA A 362 13.29 5.13 12.80
N VAL A 363 13.92 5.96 13.62
CA VAL A 363 13.84 7.42 13.51
C VAL A 363 15.25 7.98 13.36
N ALA A 364 15.40 8.93 12.44
CA ALA A 364 16.69 9.58 12.24
C ALA A 364 17.09 10.36 13.48
N TRP A 365 18.37 10.24 13.86
CA TRP A 365 18.87 10.76 15.12
C TRP A 365 20.15 11.54 14.90
N ASP A 366 20.20 12.76 15.42
CA ASP A 366 21.40 13.57 15.40
C ASP A 366 22.25 13.22 16.63
N ARG A 367 23.49 12.81 16.39
CA ARG A 367 24.34 12.37 17.49
C ARG A 367 24.94 13.55 18.25
N GLU A 368 25.22 14.66 17.57
CA GLU A 368 25.82 15.81 18.23
C GLU A 368 24.83 16.48 19.18
N LYS A 369 23.67 16.90 18.65
CA LYS A 369 22.69 17.58 19.47
C LYS A 369 21.84 16.63 20.31
N LYS A 370 21.80 15.35 19.94
CA LYS A 370 20.96 14.38 20.64
C LYS A 370 19.48 14.70 20.42
N GLN A 371 19.10 14.78 19.14
CA GLN A 371 17.78 15.26 18.77
C GLN A 371 17.24 14.48 17.59
N ILE A 372 15.92 14.34 17.53
CA ILE A 372 15.26 13.65 16.43
C ILE A 372 15.32 14.51 15.18
N GLN A 373 15.64 13.87 14.02
CA GLN A 373 15.68 14.54 12.74
C GLN A 373 14.41 14.25 11.94
N PRO A 374 14.01 15.17 11.06
CA PRO A 374 12.77 14.98 10.30
C PRO A 374 12.83 13.76 9.38
N PHE A 375 11.66 13.40 8.87
CA PHE A 375 11.54 12.21 8.03
C PHE A 375 12.36 12.33 6.75
N GLN A 376 12.50 13.54 6.22
CA GLN A 376 13.28 13.74 5.00
C GLN A 376 14.72 13.29 5.20
N VAL A 377 15.29 13.55 6.36
CA VAL A 377 16.67 13.16 6.63
C VAL A 377 16.81 11.64 6.64
N LEU A 378 15.84 10.95 7.24
CA LEU A 378 15.89 9.49 7.32
C LEU A 378 15.83 8.86 5.93
N THR A 379 15.11 9.49 4.99
CA THR A 379 15.00 8.94 3.64
C THR A 379 16.27 9.13 2.82
N THR A 380 17.26 9.87 3.33
CA THR A 380 18.50 10.07 2.61
C THR A 380 19.48 8.90 2.78
N ARG A 381 19.13 7.90 3.58
CA ARG A 381 20.00 6.74 3.75
C ARG A 381 19.94 5.83 2.53
N LYS A 382 21.05 5.17 2.25
CA LYS A 382 21.11 4.24 1.12
C LYS A 382 20.34 2.97 1.44
N ARG A 383 19.95 2.26 0.39
CA ARG A 383 19.23 1.00 0.52
C ARG A 383 20.07 -0.21 0.14
N LYS A 384 20.75 -0.15 -1.00
CA LYS A 384 21.39 -1.32 -1.60
C LYS A 384 22.75 -1.56 -0.97
N GLU A 385 22.83 -2.57 -0.10
CA GLU A 385 24.07 -3.10 0.45
C GLU A 385 24.94 -1.99 1.04
N VAL A 386 24.44 -1.41 2.13
CA VAL A 386 25.13 -0.32 2.80
C VAL A 386 26.24 -0.90 3.67
N ASP A 387 27.43 -0.32 3.57
CA ASP A 387 28.53 -0.69 4.44
C ASP A 387 28.41 0.03 5.78
N ALA A 388 28.79 -0.64 6.86
CA ALA A 388 28.59 -0.10 8.19
C ALA A 388 29.33 1.22 8.40
N SER A 389 30.50 1.40 7.79
CA SER A 389 31.26 2.62 7.99
C SER A 389 30.70 3.79 7.18
N GLU A 390 30.15 3.53 6.00
CA GLU A 390 29.64 4.58 5.14
C GLU A 390 28.29 5.13 5.57
N ILE A 391 27.76 4.69 6.71
CA ILE A 391 26.47 5.19 7.17
C ILE A 391 26.64 6.59 7.71
N GLN A 392 25.86 7.53 7.17
CA GLN A 392 25.95 8.94 7.54
C GLN A 392 24.81 9.39 8.46
N VAL A 393 23.60 8.92 8.23
CA VAL A 393 22.44 9.33 9.00
C VAL A 393 22.19 8.25 10.06
N GLN A 394 22.51 8.56 11.31
CA GLN A 394 22.26 7.63 12.40
C GLN A 394 20.76 7.51 12.67
N VAL A 395 20.38 6.42 13.33
CA VAL A 395 18.98 6.10 13.55
C VAL A 395 18.81 5.59 14.98
N CYS A 396 17.74 6.04 15.64
CA CYS A 396 17.39 5.61 16.98
C CYS A 396 16.11 4.78 16.92
N LEU A 397 16.16 3.57 17.46
CA LEU A 397 15.00 2.69 17.45
C LEU A 397 14.08 3.01 18.61
N TYR A 398 12.77 3.00 18.33
CA TYR A 398 11.74 3.25 19.33
C TYR A 398 10.80 2.05 19.34
N ALA A 399 11.06 1.10 20.23
CA ALA A 399 10.27 -0.12 20.31
C ALA A 399 8.96 0.15 21.05
N PHE A 400 7.85 -0.36 20.51
CA PHE A 400 6.55 -0.19 21.13
C PHE A 400 5.75 -1.48 21.26
N ASP A 401 6.29 -2.61 20.80
CA ASP A 401 5.55 -3.87 20.93
C ASP A 401 6.52 -5.03 20.80
N LEU A 402 6.19 -6.13 21.48
CA LEU A 402 6.93 -7.38 21.42
C LEU A 402 5.98 -8.47 20.93
N ILE A 403 6.43 -9.25 19.94
CA ILE A 403 5.58 -10.22 19.27
C ILE A 403 6.02 -11.65 19.55
N TYR A 404 7.32 -11.90 19.61
CA TYR A 404 7.87 -13.24 19.77
C TYR A 404 9.09 -13.16 20.67
N LEU A 405 9.26 -14.14 21.55
CA LEU A 405 10.35 -14.11 22.51
C LEU A 405 10.70 -15.52 22.97
N ASN A 406 11.94 -15.93 22.72
CA ASN A 406 12.52 -17.17 23.25
C ASN A 406 11.66 -18.38 22.92
N GLY A 407 11.11 -18.41 21.71
CA GLY A 407 10.32 -19.52 21.23
C GLY A 407 8.82 -19.33 21.36
N GLU A 408 8.38 -18.61 22.40
CA GLU A 408 6.95 -18.43 22.65
C GLU A 408 6.43 -17.24 21.86
N SER A 409 5.27 -17.41 21.23
CA SER A 409 4.62 -16.34 20.50
C SER A 409 3.70 -15.56 21.45
N LEU A 410 3.63 -14.25 21.24
CA LEU A 410 2.84 -13.36 22.10
C LEU A 410 1.67 -12.74 21.36
N VAL A 411 1.22 -13.36 20.26
CA VAL A 411 0.08 -12.82 19.51
C VAL A 411 -1.19 -12.91 20.34
N ARG A 412 -1.36 -14.01 21.08
CA ARG A 412 -2.56 -14.24 21.88
C ARG A 412 -2.48 -13.58 23.25
N GLU A 413 -1.47 -12.75 23.50
CA GLU A 413 -1.31 -12.09 24.79
C GLU A 413 -1.65 -10.62 24.70
N PRO A 414 -2.45 -10.10 25.63
CA PRO A 414 -2.80 -8.67 25.60
C PRO A 414 -1.57 -7.78 25.61
N LEU A 415 -1.77 -6.53 25.18
CA LEU A 415 -0.67 -5.57 25.09
C LEU A 415 -0.05 -5.28 26.45
N SER A 416 -0.85 -5.34 27.52
CA SER A 416 -0.31 -5.09 28.86
C SER A 416 0.78 -6.10 29.20
N ARG A 417 0.55 -7.38 28.89
CA ARG A 417 1.59 -8.38 29.09
C ARG A 417 2.77 -8.14 28.16
N ARG A 418 2.50 -7.85 26.88
CA ARG A 418 3.57 -7.60 25.93
C ARG A 418 4.45 -6.44 26.36
N ARG A 419 3.83 -5.37 26.87
CA ARG A 419 4.61 -4.22 27.34
C ARG A 419 5.45 -4.57 28.56
N GLN A 420 4.98 -5.51 29.38
CA GLN A 420 5.75 -5.92 30.56
C GLN A 420 6.99 -6.71 30.17
N LEU A 421 6.81 -7.76 29.36
CA LEU A 421 7.95 -8.56 28.93
C LEU A 421 8.89 -7.79 28.02
N LEU A 422 8.42 -6.70 27.39
CA LEU A 422 9.28 -5.92 26.51
C LEU A 422 10.27 -5.09 27.32
N ARG A 423 9.79 -4.38 28.34
CA ARG A 423 10.67 -3.59 29.18
C ARG A 423 11.50 -4.44 30.13
N GLU A 424 11.18 -5.73 30.27
CA GLU A 424 11.89 -6.59 31.20
C GLU A 424 13.08 -7.29 30.56
N ASN A 425 12.94 -7.77 29.32
CA ASN A 425 13.99 -8.51 28.64
C ASN A 425 14.84 -7.66 27.72
N PHE A 426 14.51 -6.37 27.58
CA PHE A 426 15.26 -5.47 26.71
C PHE A 426 15.73 -4.26 27.51
N VAL A 427 16.92 -3.77 27.15
CA VAL A 427 17.60 -2.73 27.89
C VAL A 427 17.67 -1.46 27.03
N GLU A 428 17.39 -0.32 27.64
CA GLU A 428 17.39 0.94 26.93
C GLU A 428 18.81 1.46 26.72
N THR A 429 18.98 2.23 25.65
CA THR A 429 20.24 2.92 25.38
C THR A 429 19.88 4.25 24.72
N GLU A 430 19.96 5.34 25.48
CA GLU A 430 19.54 6.65 25.00
C GLU A 430 20.32 7.05 23.75
N GLY A 431 19.61 7.22 22.65
CA GLY A 431 20.22 7.53 21.36
C GLY A 431 20.19 6.39 20.37
N GLU A 432 19.94 5.17 20.82
CA GLU A 432 19.86 4.02 19.93
C GLU A 432 18.68 3.09 20.20
N PHE A 433 18.21 2.96 21.44
CA PHE A 433 17.09 2.08 21.75
C PHE A 433 16.34 2.66 22.94
N VAL A 434 15.16 3.23 22.69
CA VAL A 434 14.36 3.87 23.72
C VAL A 434 12.91 3.43 23.53
N PHE A 435 12.25 3.01 24.61
CA PHE A 435 10.84 2.70 24.54
C PHE A 435 10.03 3.96 24.25
N ALA A 436 9.00 3.82 23.44
CA ALA A 436 8.12 4.95 23.14
C ALA A 436 7.49 5.45 24.44
N THR A 437 7.61 6.75 24.68
CA THR A 437 7.09 7.35 25.90
C THR A 437 5.59 7.11 26.02
N SER A 438 5.18 6.41 27.07
CA SER A 438 3.80 6.00 27.26
C SER A 438 3.13 6.83 28.34
N LEU A 439 1.79 6.81 28.32
CA LEU A 439 0.98 7.54 29.29
C LEU A 439 -0.33 6.78 29.43
N ASP A 440 -0.50 6.09 30.56
CA ASP A 440 -1.62 5.18 30.77
C ASP A 440 -2.61 5.80 31.74
N THR A 441 -3.30 6.85 31.29
CA THR A 441 -4.37 7.44 32.09
C THR A 441 -5.66 7.56 31.28
N LYS A 442 -6.64 8.28 31.83
CA LYS A 442 -7.90 8.46 31.12
C LYS A 442 -8.50 9.86 31.32
N ASP A 443 -7.71 10.84 31.79
CA ASP A 443 -8.20 12.19 31.99
C ASP A 443 -8.06 12.97 30.68
N ILE A 444 -9.14 13.65 30.27
CA ILE A 444 -9.12 14.39 29.03
C ILE A 444 -8.17 15.57 29.08
N GLU A 445 -7.86 16.07 30.27
CA GLU A 445 -6.92 17.18 30.39
C GLU A 445 -5.47 16.71 30.24
N GLN A 446 -5.12 15.59 30.88
CA GLN A 446 -3.76 15.08 30.78
C GLN A 446 -3.49 14.53 29.38
N ILE A 447 -4.50 13.92 28.76
CA ILE A 447 -4.32 13.38 27.41
C ILE A 447 -4.12 14.51 26.41
N ALA A 448 -4.91 15.58 26.51
CA ALA A 448 -4.75 16.72 25.61
C ALA A 448 -3.39 17.38 25.79
N GLU A 449 -2.82 17.32 27.00
CA GLU A 449 -1.50 17.89 27.22
C GLU A 449 -0.40 16.99 26.68
N PHE A 450 -0.54 15.68 26.84
CA PHE A 450 0.44 14.75 26.30
C PHE A 450 0.52 14.87 24.79
N LEU A 451 -0.62 15.07 24.13
CA LEU A 451 -0.62 15.25 22.67
C LEU A 451 0.16 16.49 22.28
N GLU A 452 -0.01 17.59 23.01
CA GLU A 452 0.77 18.79 22.72
C GLU A 452 2.24 18.60 23.07
N GLN A 453 2.54 17.76 24.06
CA GLN A 453 3.93 17.49 24.40
C GLN A 453 4.63 16.67 23.32
N SER A 454 3.90 15.76 22.66
CA SER A 454 4.51 14.96 21.61
C SER A 454 4.96 15.84 20.45
N VAL A 455 4.15 16.83 20.08
CA VAL A 455 4.54 17.74 19.01
C VAL A 455 5.74 18.58 19.44
N LYS A 456 5.75 19.02 20.70
CA LYS A 456 6.91 19.77 21.20
C LYS A 456 8.16 18.91 21.20
N ASP A 457 8.01 17.60 21.37
CA ASP A 457 9.13 16.67 21.32
C ASP A 457 9.36 16.10 19.92
N SER A 458 8.89 16.80 18.89
CA SER A 458 9.15 16.46 17.48
C SER A 458 8.56 15.09 17.12
N CYS A 459 7.25 14.96 17.34
CA CYS A 459 6.50 13.78 16.93
C CYS A 459 5.23 14.22 16.21
N GLU A 460 4.64 13.30 15.45
CA GLU A 460 3.43 13.63 14.71
C GLU A 460 2.21 13.74 15.63
N GLY A 461 2.16 12.93 16.68
CA GLY A 461 1.02 12.94 17.58
C GLY A 461 1.04 11.81 18.57
N LEU A 462 -0.11 11.19 18.79
CA LEU A 462 -0.26 10.15 19.80
C LEU A 462 -0.87 8.91 19.19
N MET A 463 -0.46 7.75 19.71
CA MET A 463 -1.07 6.48 19.40
C MET A 463 -1.87 6.01 20.61
N VAL A 464 -3.03 5.41 20.36
CA VAL A 464 -3.91 4.91 21.42
C VAL A 464 -4.09 3.42 21.22
N LYS A 465 -3.71 2.64 22.22
CA LYS A 465 -3.80 1.18 22.17
C LYS A 465 -4.40 0.67 23.46
N THR A 466 -5.40 -0.21 23.34
CA THR A 466 -5.97 -0.84 24.52
C THR A 466 -4.96 -1.76 25.19
N LEU A 467 -5.11 -1.93 26.49
CA LEU A 467 -4.16 -2.71 27.27
C LEU A 467 -4.62 -4.14 27.56
N ASP A 468 -5.94 -4.38 27.64
CA ASP A 468 -6.42 -5.69 28.00
C ASP A 468 -7.66 -6.08 27.20
N VAL A 469 -8.64 -5.20 27.13
CA VAL A 469 -9.87 -5.46 26.39
C VAL A 469 -9.58 -5.23 24.89
N ASP A 470 -9.63 -6.31 24.11
CA ASP A 470 -9.31 -6.26 22.68
C ASP A 470 -7.91 -5.66 22.47
N ALA A 471 -6.93 -6.30 23.09
CA ALA A 471 -5.54 -5.83 23.05
C ALA A 471 -4.60 -6.89 22.48
N THR A 472 -5.13 -7.87 21.77
CA THR A 472 -4.30 -8.89 21.15
C THR A 472 -3.65 -8.35 19.88
N TYR A 473 -2.65 -9.07 19.39
CA TYR A 473 -2.00 -8.77 18.13
C TYR A 473 -2.57 -9.61 16.98
N GLU A 474 -3.84 -10.01 17.10
CA GLU A 474 -4.53 -10.75 16.05
C GLU A 474 -5.09 -9.73 15.06
N ILE A 475 -4.29 -9.38 14.05
CA ILE A 475 -4.69 -8.39 13.07
C ILE A 475 -5.86 -8.88 12.23
N ALA A 476 -6.04 -10.20 12.11
CA ALA A 476 -7.15 -10.73 11.33
C ALA A 476 -8.51 -10.38 11.93
N LYS A 477 -8.59 -10.26 13.25
CA LYS A 477 -9.86 -9.88 13.88
C LYS A 477 -10.19 -8.42 13.60
N ARG A 478 -9.19 -7.54 13.68
CA ARG A 478 -9.38 -6.12 13.37
C ARG A 478 -8.02 -5.55 13.01
N SER A 479 -7.81 -5.26 11.73
CA SER A 479 -6.51 -4.79 11.26
C SER A 479 -6.24 -3.34 11.65
N HIS A 480 -7.24 -2.61 12.13
CA HIS A 480 -7.02 -1.23 12.58
C HIS A 480 -7.45 -1.10 14.03
N ASN A 481 -6.92 -1.97 14.89
CA ASN A 481 -7.31 -1.95 16.30
C ASN A 481 -6.69 -0.77 17.05
N TRP A 482 -5.53 -0.32 16.62
CA TRP A 482 -4.90 0.85 17.23
C TRP A 482 -5.52 2.13 16.66
N LEU A 483 -5.42 3.20 17.44
CA LEU A 483 -5.89 4.52 17.02
C LEU A 483 -4.71 5.49 16.98
N LYS A 484 -4.69 6.33 15.94
CA LYS A 484 -3.72 7.41 15.83
C LYS A 484 -4.44 8.75 15.90
N LEU A 485 -3.87 9.67 16.67
CA LEU A 485 -4.45 11.00 16.85
C LEU A 485 -3.38 12.03 16.52
N LYS A 486 -3.52 12.68 15.37
CA LYS A 486 -2.60 13.71 14.92
C LYS A 486 -3.25 15.09 15.08
N LYS A 487 -2.40 16.11 15.13
CA LYS A 487 -2.90 17.47 15.33
C LYS A 487 -3.71 17.96 14.13
N ASP A 488 -3.46 17.41 12.94
CA ASP A 488 -4.14 17.85 11.74
C ASP A 488 -5.43 17.10 11.47
N TYR A 489 -5.88 16.25 12.40
CA TYR A 489 -7.16 15.57 12.27
C TYR A 489 -8.31 16.37 12.84
N LEU A 490 -8.03 17.25 13.80
CA LEU A 490 -9.05 18.11 14.39
C LEU A 490 -9.18 19.39 13.57
N ASP A 491 -10.37 20.00 13.65
CA ASP A 491 -10.64 21.20 12.88
C ASP A 491 -10.05 22.43 13.56
N GLY A 492 -9.61 23.37 12.74
CA GLY A 492 -9.04 24.61 13.23
C GLY A 492 -7.63 24.53 13.75
N VAL A 493 -7.03 23.33 13.79
CA VAL A 493 -5.69 23.16 14.32
C VAL A 493 -4.66 22.86 13.24
N GLY A 494 -5.05 22.14 12.18
CA GLY A 494 -4.11 21.85 11.11
C GLY A 494 -3.75 23.08 10.30
N ASP A 495 -2.57 23.03 9.68
CA ASP A 495 -2.08 24.12 8.84
C ASP A 495 -2.99 24.23 7.62
N THR A 496 -3.85 25.24 7.62
CA THR A 496 -4.77 25.49 6.51
C THR A 496 -4.18 26.57 5.61
N LEU A 497 -3.96 26.22 4.34
CA LEU A 497 -3.42 27.15 3.36
C LEU A 497 -4.44 27.36 2.25
N ASP A 498 -4.50 28.59 1.73
CA ASP A 498 -5.38 28.95 0.62
C ASP A 498 -4.51 29.16 -0.61
N LEU A 499 -4.62 28.25 -1.58
CA LEU A 499 -3.74 28.22 -2.73
C LEU A 499 -4.54 28.36 -4.02
N VAL A 500 -3.84 28.68 -5.10
CA VAL A 500 -4.45 28.95 -6.40
C VAL A 500 -4.24 27.74 -7.30
N VAL A 501 -5.28 27.37 -8.04
CA VAL A 501 -5.21 26.27 -8.99
C VAL A 501 -4.70 26.81 -10.31
N ILE A 502 -3.53 26.32 -10.73
CA ILE A 502 -2.89 26.78 -11.97
C ILE A 502 -2.85 25.72 -13.04
N GLY A 503 -3.14 24.47 -12.72
CA GLY A 503 -3.11 23.40 -13.72
C GLY A 503 -3.89 22.20 -13.25
N ALA A 504 -4.18 21.31 -14.20
CA ALA A 504 -4.96 20.12 -13.92
C ALA A 504 -4.40 18.95 -14.71
N TYR A 505 -4.45 17.76 -14.10
CA TYR A 505 -3.98 16.53 -14.71
C TYR A 505 -5.16 15.62 -14.98
N LEU A 506 -5.17 14.98 -16.15
CA LEU A 506 -6.26 14.09 -16.51
C LEU A 506 -6.28 12.87 -15.59
N GLY A 507 -7.48 12.46 -15.19
CA GLY A 507 -7.62 11.38 -14.24
C GLY A 507 -7.56 10.01 -14.87
N ARG A 508 -7.24 9.02 -14.05
CA ARG A 508 -7.13 7.64 -14.48
C ARG A 508 -8.01 6.76 -13.60
N GLY A 509 -8.48 5.67 -14.18
CA GLY A 509 -9.22 4.69 -13.39
C GLY A 509 -10.58 5.23 -13.02
N LYS A 510 -10.85 5.32 -11.72
CA LYS A 510 -12.10 5.89 -11.22
C LYS A 510 -12.27 7.34 -11.63
N ARG A 511 -11.17 8.04 -11.89
CA ARG A 511 -11.18 9.44 -12.28
C ARG A 511 -11.08 9.62 -13.79
N ALA A 512 -11.21 8.55 -14.56
CA ALA A 512 -11.16 8.65 -16.01
C ALA A 512 -12.31 9.50 -16.53
N GLY A 513 -12.00 10.41 -17.45
CA GLY A 513 -12.98 11.32 -18.00
C GLY A 513 -12.99 12.69 -17.37
N ARG A 514 -12.33 12.87 -16.23
CA ARG A 514 -12.27 14.16 -15.55
C ARG A 514 -10.84 14.37 -15.07
N TYR A 515 -10.67 15.26 -14.09
CA TYR A 515 -9.36 15.59 -13.55
C TYR A 515 -9.12 14.77 -12.28
N GLY A 516 -7.96 14.11 -12.22
CA GLY A 516 -7.60 13.34 -11.05
C GLY A 516 -6.74 14.13 -10.08
N GLY A 517 -5.99 15.10 -10.59
CA GLY A 517 -5.14 15.92 -9.76
C GLY A 517 -5.14 17.37 -10.22
N PHE A 518 -4.52 18.22 -9.40
CA PHE A 518 -4.43 19.63 -9.67
C PHE A 518 -3.08 20.15 -9.21
N LEU A 519 -2.60 21.22 -9.85
CA LEU A 519 -1.35 21.88 -9.48
C LEU A 519 -1.68 23.18 -8.77
N LEU A 520 -1.18 23.33 -7.55
CA LEU A 520 -1.49 24.49 -6.71
C LEU A 520 -0.27 25.39 -6.59
N ALA A 521 -0.53 26.67 -6.34
CA ALA A 521 0.52 27.67 -6.31
C ALA A 521 0.21 28.73 -5.24
N SER A 522 1.27 29.25 -4.64
CA SER A 522 1.18 30.37 -3.71
C SER A 522 1.64 31.66 -4.39
N TYR A 523 1.35 32.78 -3.75
CA TYR A 523 1.62 34.10 -4.31
C TYR A 523 2.93 34.64 -3.75
N ASP A 524 3.92 34.85 -4.61
CA ASP A 524 5.16 35.52 -4.22
C ASP A 524 4.93 37.02 -4.40
N GLU A 525 4.75 37.72 -3.28
CA GLU A 525 4.44 39.14 -3.34
C GLU A 525 5.59 39.95 -3.92
N ASP A 526 6.83 39.47 -3.76
CA ASP A 526 7.99 40.23 -4.23
C ASP A 526 8.15 40.13 -5.75
N SER A 527 8.03 38.92 -6.30
CA SER A 527 8.20 38.72 -7.74
C SER A 527 6.92 38.93 -8.53
N GLU A 528 5.79 39.15 -7.86
CA GLU A 528 4.49 39.29 -8.52
C GLU A 528 4.20 38.09 -9.41
N GLU A 529 4.49 36.90 -8.90
CA GLU A 529 4.33 35.67 -9.66
C GLU A 529 3.80 34.57 -8.74
N LEU A 530 3.07 33.63 -9.35
CA LEU A 530 2.56 32.47 -8.64
C LEU A 530 3.57 31.34 -8.71
N GLN A 531 3.92 30.79 -7.56
CA GLN A 531 4.92 29.72 -7.46
C GLN A 531 4.21 28.43 -7.08
N ALA A 532 4.33 27.42 -7.95
CA ALA A 532 3.76 26.11 -7.66
C ALA A 532 4.31 25.57 -6.35
N ILE A 533 3.45 24.93 -5.56
CA ILE A 533 3.79 24.50 -4.21
C ILE A 533 3.59 23.00 -4.04
N CYS A 534 2.55 22.43 -4.65
CA CYS A 534 2.27 21.01 -4.52
C CYS A 534 1.18 20.64 -5.51
N LYS A 535 0.90 19.34 -5.58
CA LYS A 535 -0.23 18.80 -6.33
C LYS A 535 -1.29 18.33 -5.35
N LEU A 536 -2.53 18.24 -5.84
CA LEU A 536 -3.67 17.93 -4.99
C LEU A 536 -4.54 16.89 -5.69
N GLY A 537 -4.78 15.77 -5.01
CA GLY A 537 -5.54 14.69 -5.61
C GLY A 537 -6.47 13.94 -4.68
N THR A 538 -6.75 14.51 -3.52
CA THR A 538 -7.64 13.86 -2.57
C THR A 538 -8.31 14.92 -1.70
N GLY A 539 -9.47 14.57 -1.13
CA GLY A 539 -10.24 15.43 -0.27
C GLY A 539 -11.58 15.85 -0.84
N PHE A 540 -11.69 15.88 -2.17
CA PHE A 540 -12.93 16.25 -2.82
C PHE A 540 -13.80 15.02 -3.05
N SER A 541 -15.11 15.19 -2.87
CA SER A 541 -16.04 14.13 -3.19
C SER A 541 -16.19 14.01 -4.72
N ASP A 542 -16.85 12.93 -5.14
CA ASP A 542 -17.06 12.72 -6.58
C ASP A 542 -17.91 13.83 -7.16
N GLU A 543 -18.89 14.33 -6.40
CA GLU A 543 -19.73 15.42 -6.89
C GLU A 543 -18.92 16.71 -7.02
N GLU A 544 -18.07 17.01 -6.04
CA GLU A 544 -17.22 18.20 -6.14
C GLU A 544 -16.23 18.07 -7.28
N LEU A 545 -15.69 16.87 -7.50
CA LEU A 545 -14.67 16.69 -8.52
C LEU A 545 -15.23 16.91 -9.92
N GLU A 546 -16.47 16.47 -10.15
CA GLU A 546 -17.12 16.79 -11.42
C GLU A 546 -17.48 18.27 -11.51
N GLU A 547 -17.81 18.88 -10.37
CA GLU A 547 -18.08 20.32 -10.36
C GLU A 547 -16.82 21.11 -10.70
N HIS A 548 -15.66 20.68 -10.17
CA HIS A 548 -14.40 21.33 -10.52
C HIS A 548 -14.05 21.12 -11.98
N HIS A 549 -14.17 19.89 -12.47
CA HIS A 549 -13.81 19.59 -13.85
C HIS A 549 -14.62 20.42 -14.83
N GLN A 550 -15.84 20.82 -14.45
CA GLN A 550 -16.67 21.65 -15.33
C GLN A 550 -16.38 23.13 -15.15
N SER A 551 -16.27 23.60 -13.90
CA SER A 551 -16.00 25.01 -13.65
C SER A 551 -14.62 25.41 -14.19
N LEU A 552 -13.66 24.48 -14.20
CA LEU A 552 -12.33 24.75 -14.70
C LEU A 552 -12.15 24.38 -16.17
N LYS A 553 -13.14 23.71 -16.77
CA LYS A 553 -13.04 23.36 -18.18
C LYS A 553 -13.10 24.59 -19.07
N ALA A 554 -13.77 25.64 -18.62
CA ALA A 554 -13.83 26.90 -19.35
C ALA A 554 -12.65 27.82 -19.06
N LEU A 555 -11.71 27.39 -18.23
CA LEU A 555 -10.55 28.18 -17.85
C LEU A 555 -9.26 27.64 -18.43
N VAL A 556 -9.33 26.65 -19.31
CA VAL A 556 -8.12 26.01 -19.83
C VAL A 556 -7.41 26.98 -20.76
N LEU A 557 -6.09 27.09 -20.60
CA LEU A 557 -5.26 27.94 -21.42
C LEU A 557 -4.26 27.08 -22.20
N PRO A 558 -4.08 27.32 -23.50
CA PRO A 558 -3.06 26.56 -24.24
C PRO A 558 -1.66 26.74 -23.70
N SER A 559 -1.33 27.92 -23.20
CA SER A 559 0.01 28.24 -22.72
C SER A 559 -0.04 28.73 -21.28
N PRO A 560 1.05 28.58 -20.54
CA PRO A 560 1.07 29.12 -19.17
C PRO A 560 1.17 30.64 -19.18
N ARG A 561 0.63 31.24 -18.13
CA ARG A 561 0.72 32.69 -17.97
C ARG A 561 2.17 33.08 -17.65
N PRO A 562 2.59 34.27 -18.05
CA PRO A 562 3.99 34.68 -17.80
C PRO A 562 4.34 34.81 -16.33
N TYR A 563 3.35 35.00 -15.45
CA TYR A 563 3.58 35.15 -14.03
C TYR A 563 3.36 33.86 -13.25
N VAL A 564 3.48 32.71 -13.90
CA VAL A 564 3.35 31.41 -13.26
C VAL A 564 4.69 30.70 -13.36
N ARG A 565 5.15 30.14 -12.25
CA ARG A 565 6.46 29.49 -12.16
C ARG A 565 6.28 28.13 -11.50
N ILE A 566 6.59 27.06 -12.23
CA ILE A 566 6.45 25.72 -11.72
C ILE A 566 7.78 25.00 -11.54
N ASP A 567 8.84 25.44 -12.21
CA ASP A 567 10.20 24.89 -12.06
C ASP A 567 10.15 23.40 -12.38
N GLY A 568 10.68 22.52 -11.53
CA GLY A 568 10.76 21.10 -11.79
C GLY A 568 9.50 20.31 -11.55
N ALA A 569 8.36 20.96 -11.36
CA ALA A 569 7.11 20.24 -11.16
C ALA A 569 6.63 19.64 -12.48
N VAL A 570 5.75 18.63 -12.36
CA VAL A 570 5.19 18.00 -13.54
C VAL A 570 4.35 19.02 -14.29
N ILE A 571 4.59 19.14 -15.59
CA ILE A 571 3.83 20.06 -16.45
C ILE A 571 2.38 19.60 -16.45
N PRO A 572 1.43 20.45 -16.08
CA PRO A 572 0.03 20.02 -16.06
C PRO A 572 -0.49 19.75 -17.47
N ASP A 573 -1.44 18.82 -17.54
CA ASP A 573 -2.04 18.47 -18.83
C ASP A 573 -2.84 19.64 -19.39
N HIS A 574 -3.53 20.38 -18.52
CA HIS A 574 -4.32 21.54 -18.93
C HIS A 574 -3.88 22.73 -18.09
N TRP A 575 -3.24 23.71 -18.72
CA TRP A 575 -2.94 24.96 -18.05
C TRP A 575 -4.23 25.70 -17.73
N LEU A 576 -4.30 26.27 -16.53
CA LEU A 576 -5.51 26.88 -16.03
C LEU A 576 -5.29 28.35 -15.72
N ASP A 577 -6.26 29.17 -16.11
CA ASP A 577 -6.20 30.60 -15.80
C ASP A 577 -6.35 30.79 -14.29
N PRO A 578 -5.35 31.35 -13.61
CA PRO A 578 -5.43 31.45 -12.15
C PRO A 578 -6.58 32.33 -11.66
N SER A 579 -7.55 31.71 -10.99
CA SER A 579 -8.69 32.45 -10.44
C SER A 579 -9.32 31.66 -9.29
N ALA A 580 -9.29 30.34 -9.39
CA ALA A 580 -9.84 29.48 -8.34
C ALA A 580 -8.89 29.43 -7.15
N VAL A 581 -9.41 29.69 -5.96
CA VAL A 581 -8.65 29.63 -4.72
C VAL A 581 -9.25 28.54 -3.85
N TRP A 582 -8.45 27.55 -3.48
CA TRP A 582 -8.91 26.42 -2.70
C TRP A 582 -8.23 26.39 -1.34
N GLU A 583 -8.98 25.93 -0.35
CA GLU A 583 -8.45 25.73 1.00
C GLU A 583 -7.90 24.32 1.11
N VAL A 584 -6.63 24.21 1.51
CA VAL A 584 -5.92 22.94 1.52
C VAL A 584 -5.32 22.72 2.90
N LYS A 585 -5.50 21.52 3.43
CA LYS A 585 -4.94 21.12 4.71
C LYS A 585 -3.77 20.17 4.49
N CYS A 586 -2.74 20.30 5.32
CA CYS A 586 -1.56 19.46 5.22
C CYS A 586 -1.06 19.14 6.63
N ALA A 587 -0.31 18.04 6.73
CA ALA A 587 0.22 17.64 8.02
C ALA A 587 1.53 18.35 8.33
N ASP A 588 2.39 18.54 7.33
CA ASP A 588 3.67 19.20 7.52
C ASP A 588 4.01 19.99 6.27
N LEU A 589 5.08 20.78 6.38
CA LEU A 589 5.70 21.46 5.26
C LEU A 589 7.11 20.93 5.09
N SER A 590 7.48 20.63 3.84
CA SER A 590 8.75 19.99 3.55
C SER A 590 9.60 20.86 2.64
N LEU A 591 10.92 20.67 2.72
CA LEU A 591 11.85 21.35 1.83
C LEU A 591 11.89 20.60 0.50
N SER A 592 11.37 21.22 -0.56
CA SER A 592 11.18 20.50 -1.80
C SER A 592 12.39 20.63 -2.71
N PRO A 593 12.77 19.54 -3.37
CA PRO A 593 13.80 19.61 -4.42
C PRO A 593 13.26 19.89 -5.81
N ILE A 594 11.99 20.27 -5.93
CA ILE A 594 11.33 20.39 -7.23
C ILE A 594 10.43 21.61 -7.25
N TYR A 595 9.85 21.96 -6.11
CA TYR A 595 8.85 23.03 -6.17
C TYR A 595 9.49 24.38 -5.85
N PRO A 596 9.11 25.43 -6.58
CA PRO A 596 9.75 26.74 -6.41
C PRO A 596 9.13 27.64 -5.36
N ALA A 597 8.11 27.19 -4.63
CA ALA A 597 7.44 28.05 -3.67
C ALA A 597 8.39 28.45 -2.54
N ALA A 598 8.55 29.76 -2.36
CA ALA A 598 9.40 30.31 -1.30
C ALA A 598 10.86 29.88 -1.44
N ARG A 599 11.32 29.71 -2.67
CA ARG A 599 12.73 29.38 -2.90
C ARG A 599 13.61 30.57 -2.51
N GLY A 600 14.61 30.31 -1.68
CA GLY A 600 15.49 31.34 -1.19
C GLY A 600 15.12 31.91 0.16
N LEU A 601 13.86 31.76 0.57
CA LEU A 601 13.42 32.31 1.85
C LEU A 601 13.92 31.48 3.02
N VAL A 602 13.92 30.16 2.88
CA VAL A 602 14.39 29.25 3.91
C VAL A 602 15.72 28.59 3.51
N ASP A 603 15.72 27.90 2.37
CA ASP A 603 16.93 27.31 1.81
C ASP A 603 17.33 28.07 0.54
N SER A 604 18.64 28.18 0.32
CA SER A 604 19.13 28.97 -0.80
C SER A 604 18.75 28.38 -2.15
N ASP A 605 18.54 27.06 -2.20
CA ASP A 605 18.26 26.39 -3.46
C ASP A 605 16.92 25.65 -3.49
N LYS A 606 16.39 25.25 -2.34
CA LYS A 606 15.20 24.41 -2.29
C LYS A 606 13.97 25.23 -1.93
N GLY A 607 12.84 24.88 -2.53
CA GLY A 607 11.56 25.46 -2.20
C GLY A 607 10.87 24.70 -1.09
N ILE A 608 9.56 24.90 -0.98
CA ILE A 608 8.76 24.31 0.08
C ILE A 608 7.50 23.69 -0.53
N SER A 609 7.13 22.51 -0.04
CA SER A 609 5.94 21.79 -0.48
C SER A 609 5.15 21.34 0.75
N LEU A 610 4.04 20.64 0.51
CA LEU A 610 3.11 20.23 1.56
C LEU A 610 3.08 18.71 1.68
N ARG A 611 3.08 18.24 2.92
CA ARG A 611 3.02 16.81 3.22
C ARG A 611 1.59 16.39 3.47
N PHE A 612 1.14 15.38 2.75
CA PHE A 612 -0.22 14.86 2.85
C PHE A 612 -1.27 15.95 2.58
N PRO A 613 -1.21 16.61 1.42
CA PRO A 613 -2.20 17.66 1.14
C PRO A 613 -3.53 17.07 0.74
N ARG A 614 -4.59 17.76 1.17
CA ARG A 614 -5.95 17.32 0.86
C ARG A 614 -6.85 18.55 0.71
N PHE A 615 -7.82 18.42 -0.19
CA PHE A 615 -8.75 19.50 -0.47
C PHE A 615 -9.79 19.63 0.63
N ILE A 616 -10.10 20.87 1.02
CA ILE A 616 -11.09 21.13 2.05
C ILE A 616 -12.34 21.72 1.41
N ARG A 617 -12.24 22.94 0.89
CA ARG A 617 -13.37 23.60 0.26
C ARG A 617 -12.88 24.71 -0.65
N VAL A 618 -13.78 25.16 -1.53
CA VAL A 618 -13.48 26.25 -2.44
C VAL A 618 -13.65 27.57 -1.71
N ARG A 619 -12.80 28.54 -2.04
CA ARG A 619 -12.85 29.88 -1.44
C ARG A 619 -13.26 30.85 -2.54
N GLU A 620 -14.57 31.09 -2.66
CA GLU A 620 -15.09 32.01 -3.66
C GLU A 620 -14.89 33.47 -3.28
N ASP A 621 -14.75 33.76 -1.98
CA ASP A 621 -14.51 35.13 -1.56
C ASP A 621 -13.12 35.61 -1.92
N LYS A 622 -12.14 34.70 -1.90
CA LYS A 622 -10.76 35.06 -2.15
C LYS A 622 -10.44 35.04 -3.64
N GLN A 623 -9.55 35.92 -4.04
CA GLN A 623 -9.01 36.01 -5.39
C GLN A 623 -7.53 35.60 -5.38
N PRO A 624 -6.95 35.32 -6.55
CA PRO A 624 -5.54 34.88 -6.59
C PRO A 624 -4.59 35.70 -5.74
N GLU A 625 -4.70 37.03 -5.76
CA GLU A 625 -3.80 37.86 -4.97
C GLU A 625 -4.07 37.76 -3.48
N GLN A 626 -5.27 37.32 -3.07
CA GLN A 626 -5.62 37.16 -1.67
C GLN A 626 -5.24 35.79 -1.12
N ALA A 627 -4.56 34.96 -1.91
CA ALA A 627 -4.19 33.63 -1.47
C ALA A 627 -3.00 33.69 -0.52
N THR A 628 -2.67 32.52 0.04
CA THR A 628 -1.53 32.42 0.94
C THR A 628 -0.24 32.78 0.21
N THR A 629 0.52 33.70 0.79
CA THR A 629 1.73 34.18 0.14
C THR A 629 2.90 33.23 0.40
N SER A 630 3.92 33.32 -0.46
CA SER A 630 5.12 32.53 -0.27
C SER A 630 5.83 32.89 1.03
N ALA A 631 5.78 34.16 1.43
CA ALA A 631 6.36 34.56 2.69
C ALA A 631 5.66 33.88 3.86
N GLN A 632 4.34 33.74 3.78
CA GLN A 632 3.60 33.03 4.81
C GLN A 632 3.94 31.55 4.83
N VAL A 633 4.17 30.97 3.65
CA VAL A 633 4.57 29.57 3.59
C VAL A 633 5.91 29.36 4.26
N ALA A 634 6.87 30.26 4.02
CA ALA A 634 8.15 30.17 4.70
C ALA A 634 8.01 30.38 6.20
N CYS A 635 6.99 31.14 6.63
CA CYS A 635 6.77 31.33 8.05
C CYS A 635 6.24 30.06 8.71
N LEU A 636 5.35 29.34 8.01
CA LEU A 636 4.83 28.10 8.56
C LEU A 636 5.91 27.04 8.69
N TYR A 637 6.83 26.98 7.72
CA TYR A 637 7.90 25.99 7.76
C TYR A 637 8.82 26.23 8.95
N ARG A 638 9.23 27.48 9.15
CA ARG A 638 10.11 27.81 10.27
C ARG A 638 9.38 27.74 11.61
N LYS A 639 8.05 27.78 11.60
CA LYS A 639 7.25 27.67 12.82
C LYS A 639 6.88 26.23 13.15
N GLN A 640 7.42 25.26 12.43
CA GLN A 640 7.20 23.86 12.76
C GLN A 640 8.12 23.44 13.90
N SER A 641 7.61 22.59 14.78
CA SER A 641 8.36 22.22 15.97
C SER A 641 9.65 21.49 15.61
N GLN A 642 9.60 20.57 14.65
CA GLN A 642 10.79 19.83 14.27
C GLN A 642 11.86 20.75 13.69
N ILE A 643 11.46 21.83 13.02
CA ILE A 643 12.42 22.76 12.46
C ILE A 643 12.93 23.72 13.52
N GLN A 644 12.04 24.16 14.43
CA GLN A 644 12.49 24.98 15.56
C GLN A 644 13.41 24.20 16.47
N ASN A 645 13.20 22.90 16.58
CA ASN A 645 13.98 22.04 17.48
C ASN A 645 15.40 21.79 17.00
N GLN A 646 15.82 22.41 15.90
CA GLN A 646 17.17 22.25 15.39
C GLN A 646 17.99 23.53 15.58
P AMP E . -0.09 5.51 9.99
O1P AMP E . -1.31 4.63 9.85
O2P AMP E . -0.39 6.98 10.06
O3P AMP E . 1.05 5.14 9.07
O5' AMP E . 0.47 5.17 11.45
C5' AMP E . 0.97 3.88 11.75
C4' AMP E . 2.47 3.86 11.74
O4' AMP E . 2.99 4.82 12.68
C3' AMP E . 3.12 2.56 12.18
O3' AMP E . 3.15 1.59 11.15
C2' AMP E . 4.51 2.99 12.67
O2' AMP E . 5.45 2.96 11.61
C1' AMP E . 4.29 4.45 13.08
N9 AMP E . 4.41 4.66 14.54
C8 AMP E . 5.12 5.66 15.11
N7 AMP E . 5.07 5.60 16.46
C5 AMP E . 4.33 4.53 16.79
C6 AMP E . 3.89 3.89 18.05
N6 AMP E . 4.24 4.40 19.25
N1 AMP E . 3.12 2.78 17.96
C2 AMP E . 2.77 2.26 16.78
N3 AMP E . 3.13 2.79 15.58
C4 AMP E . 3.91 3.90 15.52
#